data_4D0S
#
_entry.id   4D0S
#
_cell.length_a   64.916
_cell.length_b   111.421
_cell.length_c   67.663
_cell.angle_alpha   90.00
_cell.angle_beta   98.46
_cell.angle_gamma   90.00
#
_symmetry.space_group_name_H-M   'P 1 21 1'
#
loop_
_entity.id
_entity.type
_entity.pdbx_description
1 polymer 'ENOYL-[ACYL-CARRIER-PROTEIN] REDUCTASE [NADH]'
2 non-polymer NICOTINAMIDE-ADENINE-DINUCLEOTIDE
3 non-polymer 1-{4-[(acetylamino)methyl]phenyl}-4-(4-chlorophenoxy)-6-oxo-1,6-dihydropyridazine-3-carboxamide
4 non-polymer 'MAGNESIUM ION'
5 water water
#
_entity_poly.entity_id   1
_entity_poly.type   'polypeptide(L)'
_entity_poly.pdbx_seq_one_letter_code
;MTGLLDGKRILVSGIITDSSIAFHIARVAQEQGAQLVLTGFDRLRLIQRITDRLPAKAPLLELDVQNEEHLASLAGRVTE
AIGAGNKLDGVVHSIGFMPQTGMGINPFFDAPYADVSKGIHISAYSYASMAKALLPIMNPGGSIVGMDFDPSRAMPAYNW
MTVAKSALESVNRFVAREAGKYGVRSNLVAAGPIRTLAMSAIVGGALGEEAGAQIQLLEEGWDQRAPIGWNMKDATPVAK
TVCALLSDWLPATTGDIIYADGGAHTQLL
;
_entity_poly.pdbx_strand_id   A,B,C,D
#
loop_
_chem_comp.id
_chem_comp.type
_chem_comp.name
_chem_comp.formula
9G4 non-polymer 1-{4-[(acetylamino)methyl]phenyl}-4-(4-chlorophenoxy)-6-oxo-1,6-dihydropyridazine-3-carboxamide 'C20 H17 Cl N4 O4'
MG non-polymer 'MAGNESIUM ION' 'Mg 2'
NAD non-polymer NICOTINAMIDE-ADENINE-DINUCLEOTIDE 'C21 H27 N7 O14 P2'
#
# COMPACT_ATOMS: atom_id res chain seq x y z
N GLY A 3 -32.56 -13.63 -9.30
CA GLY A 3 -31.64 -13.32 -8.23
C GLY A 3 -30.19 -13.34 -8.68
N LEU A 4 -29.37 -12.57 -7.98
CA LEU A 4 -27.94 -12.47 -8.25
C LEU A 4 -27.22 -13.83 -8.14
N LEU A 5 -27.70 -14.72 -7.26
CA LEU A 5 -27.05 -16.01 -7.02
C LEU A 5 -27.95 -17.19 -7.39
N ASP A 6 -28.88 -16.99 -8.37
CA ASP A 6 -29.86 -18.01 -8.78
C ASP A 6 -29.20 -19.34 -9.10
N GLY A 7 -29.61 -20.35 -8.35
CA GLY A 7 -29.14 -21.72 -8.51
C GLY A 7 -27.79 -22.05 -7.92
N LYS A 8 -27.03 -21.05 -7.40
CA LYS A 8 -25.71 -21.30 -6.83
C LYS A 8 -25.79 -22.04 -5.49
N ARG A 9 -24.89 -22.98 -5.28
CA ARG A 9 -24.81 -23.74 -4.03
C ARG A 9 -23.68 -23.15 -3.23
N ILE A 10 -23.99 -22.59 -2.06
CA ILE A 10 -23.00 -21.83 -1.28
C ILE A 10 -22.95 -22.28 0.16
N LEU A 11 -21.74 -22.51 0.66
CA LEU A 11 -21.53 -22.90 2.05
C LEU A 11 -21.30 -21.61 2.84
N VAL A 12 -21.97 -21.45 3.99
CA VAL A 12 -21.78 -20.24 4.82
C VAL A 12 -21.45 -20.70 6.22
N SER A 13 -20.30 -20.31 6.71
CA SER A 13 -19.84 -20.62 8.05
C SER A 13 -20.00 -19.35 8.90
N GLY A 14 -19.95 -19.49 10.22
CA GLY A 14 -19.90 -18.32 11.09
C GLY A 14 -21.18 -17.74 11.67
N ILE A 15 -22.29 -18.45 11.53
CA ILE A 15 -23.52 -17.99 12.19
C ILE A 15 -23.46 -18.46 13.65
N ILE A 16 -23.65 -17.53 14.58
CA ILE A 16 -23.82 -17.86 16.00
C ILE A 16 -25.12 -17.21 16.53
N THR A 17 -25.40 -15.97 16.09
CA THR A 17 -26.62 -15.26 16.45
C THR A 17 -27.23 -14.66 15.18
N ASP A 18 -28.45 -14.09 15.30
CA ASP A 18 -29.07 -13.43 14.15
C ASP A 18 -28.45 -12.05 13.91
N SER A 19 -27.45 -11.65 14.73
CA SER A 19 -26.69 -10.41 14.53
C SER A 19 -25.34 -10.71 13.86
N SER A 20 -24.97 -12.02 13.73
CA SER A 20 -23.71 -12.41 13.05
C SER A 20 -23.71 -11.88 11.63
N ILE A 21 -22.55 -11.42 11.17
CA ILE A 21 -22.45 -10.99 9.78
C ILE A 21 -22.88 -12.15 8.84
N ALA A 22 -22.47 -13.40 9.18
CA ALA A 22 -22.80 -14.59 8.39
C ALA A 22 -24.32 -14.80 8.28
N PHE A 23 -25.08 -14.45 9.33
CA PHE A 23 -26.55 -14.56 9.27
C PHE A 23 -27.08 -13.65 8.16
N HIS A 24 -26.62 -12.40 8.10
CA HIS A 24 -27.03 -11.44 7.07
C HIS A 24 -26.57 -11.87 5.70
N ILE A 25 -25.34 -12.44 5.61
CA ILE A 25 -24.82 -12.91 4.32
C ILE A 25 -25.74 -14.05 3.84
N ALA A 26 -26.03 -15.02 4.73
CA ALA A 26 -26.90 -16.15 4.42
C ALA A 26 -28.30 -15.67 3.95
N ARG A 27 -28.88 -14.68 4.67
CA ARG A 27 -30.21 -14.15 4.38
C ARG A 27 -30.21 -13.52 3.00
N VAL A 28 -29.26 -12.62 2.74
CA VAL A 28 -29.20 -11.97 1.43
C VAL A 28 -28.95 -13.01 0.32
N ALA A 29 -28.08 -14.02 0.57
CA ALA A 29 -27.78 -15.05 -0.42
C ALA A 29 -29.05 -15.83 -0.78
N GLN A 30 -29.88 -16.20 0.22
CA GLN A 30 -31.14 -16.91 -0.03
C GLN A 30 -32.14 -16.03 -0.77
N GLU A 31 -32.22 -14.75 -0.40
CA GLU A 31 -33.11 -13.79 -1.07
C GLU A 31 -32.73 -13.69 -2.55
N GLN A 32 -31.40 -13.85 -2.83
CA GLN A 32 -30.87 -13.79 -4.18
C GLN A 32 -30.85 -15.16 -4.92
N GLY A 33 -31.57 -16.15 -4.38
CA GLY A 33 -31.75 -17.44 -5.03
C GLY A 33 -30.75 -18.55 -4.78
N ALA A 34 -29.78 -18.34 -3.88
CA ALA A 34 -28.82 -19.38 -3.59
C ALA A 34 -29.39 -20.50 -2.75
N GLN A 35 -28.78 -21.65 -2.86
CA GLN A 35 -29.13 -22.82 -2.08
C GLN A 35 -27.97 -22.99 -1.10
N LEU A 36 -28.23 -22.87 0.20
CA LEU A 36 -27.16 -22.90 1.17
C LEU A 36 -26.91 -24.20 1.92
N VAL A 37 -25.68 -24.33 2.40
CA VAL A 37 -25.23 -25.34 3.37
C VAL A 37 -24.59 -24.48 4.44
N LEU A 38 -24.99 -24.66 5.68
CA LEU A 38 -24.47 -23.87 6.79
C LEU A 38 -23.56 -24.70 7.68
N THR A 39 -22.54 -24.05 8.26
CA THR A 39 -21.67 -24.74 9.24
C THR A 39 -21.64 -23.91 10.49
N GLY A 40 -21.58 -24.56 11.64
CA GLY A 40 -21.46 -23.82 12.89
C GLY A 40 -20.72 -24.63 13.90
N PHE A 41 -20.33 -23.98 15.01
CA PHE A 41 -19.68 -24.65 16.13
C PHE A 41 -20.01 -23.94 17.44
N ASP A 42 -20.72 -24.62 18.34
CA ASP A 42 -21.09 -24.08 19.64
C ASP A 42 -21.69 -25.16 20.51
N ARG A 43 -21.75 -24.94 21.85
CA ARG A 43 -22.33 -25.85 22.85
C ARG A 43 -22.47 -25.17 24.21
N LEU A 46 -27.45 -23.77 20.59
CA LEU A 46 -28.33 -24.38 19.60
C LEU A 46 -28.45 -23.45 18.40
N ILE A 47 -27.49 -23.59 17.45
CA ILE A 47 -27.40 -22.80 16.22
C ILE A 47 -28.60 -23.05 15.30
N GLN A 48 -29.13 -24.28 15.27
CA GLN A 48 -30.30 -24.57 14.46
C GLN A 48 -31.46 -23.62 14.77
N ARG A 49 -31.67 -23.24 16.05
CA ARG A 49 -32.75 -22.30 16.41
C ARG A 49 -32.55 -20.95 15.71
N ILE A 50 -31.27 -20.52 15.53
CA ILE A 50 -30.90 -19.29 14.84
C ILE A 50 -31.04 -19.44 13.31
N THR A 51 -30.47 -20.54 12.74
CA THR A 51 -30.53 -20.81 11.30
C THR A 51 -32.00 -21.02 10.84
N ASP A 52 -32.94 -21.46 11.76
CA ASP A 52 -34.37 -21.58 11.48
C ASP A 52 -35.01 -20.21 11.14
N ARG A 53 -34.40 -19.10 11.59
CA ARG A 53 -34.89 -17.74 11.31
C ARG A 53 -34.60 -17.27 9.90
N LEU A 54 -33.75 -18.00 9.15
CA LEU A 54 -33.45 -17.63 7.77
C LEU A 54 -34.68 -17.86 6.88
N PRO A 55 -34.82 -17.16 5.74
CA PRO A 55 -36.03 -17.35 4.91
C PRO A 55 -36.22 -18.76 4.34
N ALA A 56 -35.14 -19.54 4.18
CA ALA A 56 -35.27 -20.90 3.64
C ALA A 56 -34.49 -21.91 4.45
N LYS A 57 -34.94 -23.17 4.37
CA LYS A 57 -34.31 -24.32 5.02
C LYS A 57 -32.93 -24.52 4.43
N ALA A 58 -31.99 -24.87 5.30
CA ALA A 58 -30.63 -25.14 4.86
C ALA A 58 -30.04 -26.16 5.81
N PRO A 59 -29.37 -27.21 5.31
CA PRO A 59 -28.74 -28.16 6.23
C PRO A 59 -27.63 -27.49 7.04
N LEU A 60 -27.51 -27.87 8.32
CA LEU A 60 -26.51 -27.33 9.23
C LEU A 60 -25.55 -28.42 9.58
N LEU A 61 -24.25 -28.20 9.29
CA LEU A 61 -23.19 -29.16 9.55
C LEU A 61 -22.27 -28.64 10.63
N GLU A 62 -21.78 -29.54 11.48
CA GLU A 62 -20.84 -29.14 12.53
C GLU A 62 -19.44 -28.95 11.95
N LEU A 63 -18.82 -27.82 12.29
CA LEU A 63 -17.44 -27.56 11.88
C LEU A 63 -16.72 -26.70 12.91
N ASP A 64 -15.83 -27.35 13.67
CA ASP A 64 -14.91 -26.66 14.56
C ASP A 64 -13.63 -26.64 13.72
N VAL A 65 -13.19 -25.44 13.30
CA VAL A 65 -12.01 -25.35 12.43
C VAL A 65 -10.69 -25.84 13.07
N GLN A 66 -10.66 -25.98 14.41
CA GLN A 66 -9.47 -26.48 15.12
C GLN A 66 -9.50 -28.02 15.17
N ASN A 67 -10.59 -28.60 14.69
CA ASN A 67 -10.81 -30.05 14.70
C ASN A 67 -10.48 -30.68 13.34
N GLU A 68 -9.34 -31.38 13.26
CA GLU A 68 -8.86 -31.99 12.02
C GLU A 68 -9.82 -33.06 11.44
N GLU A 69 -10.51 -33.79 12.31
CA GLU A 69 -11.50 -34.80 11.88
C GLU A 69 -12.68 -34.12 11.17
N HIS A 70 -13.19 -32.99 11.72
CA HIS A 70 -14.29 -32.20 11.13
C HIS A 70 -13.87 -31.73 9.73
N LEU A 71 -12.59 -31.26 9.58
CA LEU A 71 -12.08 -30.79 8.29
C LEU A 71 -11.90 -31.91 7.28
N ALA A 72 -11.40 -33.07 7.74
CA ALA A 72 -11.18 -34.24 6.89
C ALA A 72 -12.50 -34.81 6.31
N SER A 73 -13.61 -34.71 7.06
CA SER A 73 -14.91 -35.26 6.64
C SER A 73 -15.82 -34.21 6.00
N LEU A 74 -15.43 -32.93 6.08
CA LEU A 74 -16.26 -31.82 5.60
C LEU A 74 -16.79 -32.00 4.17
N ALA A 75 -15.89 -32.23 3.18
CA ALA A 75 -16.32 -32.35 1.78
C ALA A 75 -17.37 -33.47 1.59
N GLY A 76 -17.13 -34.63 2.21
CA GLY A 76 -18.06 -35.75 2.15
C GLY A 76 -19.41 -35.41 2.73
N ARG A 77 -19.41 -34.71 3.89
CA ARG A 77 -20.64 -34.29 4.57
C ARG A 77 -21.39 -33.25 3.75
N VAL A 78 -20.67 -32.33 3.09
CA VAL A 78 -21.31 -31.33 2.24
C VAL A 78 -21.95 -32.02 1.03
N THR A 79 -21.21 -32.97 0.40
CA THR A 79 -21.72 -33.72 -0.77
C THR A 79 -23.01 -34.46 -0.42
N GLU A 80 -23.08 -35.08 0.76
CA GLU A 80 -24.29 -35.76 1.23
C GLU A 80 -25.45 -34.76 1.36
N ALA A 81 -25.17 -33.56 1.87
CA ALA A 81 -26.17 -32.50 2.04
C ALA A 81 -26.67 -31.92 0.70
N ILE A 82 -25.79 -31.74 -0.30
CA ILE A 82 -26.21 -31.10 -1.56
C ILE A 82 -26.59 -32.10 -2.64
N GLY A 83 -26.31 -33.37 -2.39
CA GLY A 83 -26.63 -34.43 -3.33
C GLY A 83 -25.44 -34.80 -4.18
N ALA A 84 -25.24 -36.13 -4.34
CA ALA A 84 -24.17 -36.69 -5.14
C ALA A 84 -24.27 -36.14 -6.55
N GLY A 85 -23.13 -35.76 -7.12
CA GLY A 85 -23.07 -35.19 -8.46
C GLY A 85 -23.09 -33.69 -8.46
N ASN A 86 -23.44 -33.06 -7.33
CA ASN A 86 -23.48 -31.60 -7.22
C ASN A 86 -22.24 -31.07 -6.52
N LYS A 87 -21.81 -29.85 -6.87
CA LYS A 87 -20.64 -29.20 -6.27
C LYS A 87 -21.03 -27.82 -5.78
N LEU A 88 -20.17 -27.21 -4.92
CA LEU A 88 -20.39 -25.86 -4.41
C LEU A 88 -19.92 -24.84 -5.41
N ASP A 89 -20.62 -23.70 -5.45
CA ASP A 89 -20.22 -22.56 -6.27
C ASP A 89 -19.59 -21.47 -5.40
N GLY A 90 -19.86 -21.53 -4.09
CA GLY A 90 -19.32 -20.52 -3.18
C GLY A 90 -19.07 -21.04 -1.78
N VAL A 91 -18.15 -20.35 -1.08
CA VAL A 91 -17.79 -20.65 0.30
C VAL A 91 -17.62 -19.31 0.98
N VAL A 92 -18.24 -19.15 2.15
CA VAL A 92 -18.08 -17.94 2.95
C VAL A 92 -17.45 -18.33 4.29
N HIS A 93 -16.29 -17.74 4.59
CA HIS A 93 -15.58 -17.87 5.86
C HIS A 93 -15.94 -16.61 6.66
N SER A 94 -16.73 -16.77 7.73
CA SER A 94 -17.06 -15.59 8.55
C SER A 94 -16.81 -15.99 10.01
N ILE A 95 -15.59 -16.44 10.25
CA ILE A 95 -15.12 -16.99 11.52
C ILE A 95 -13.97 -16.15 12.06
N GLY A 96 -14.06 -15.83 13.34
CA GLY A 96 -13.01 -15.06 14.00
C GLY A 96 -13.06 -15.30 15.48
N PHE A 97 -11.89 -15.22 16.11
CA PHE A 97 -11.78 -15.41 17.55
C PHE A 97 -10.45 -14.91 18.02
N MET A 98 -10.46 -14.17 19.13
CA MET A 98 -9.26 -13.76 19.82
C MET A 98 -9.61 -13.70 21.32
N PRO A 99 -8.92 -14.45 22.20
CA PRO A 99 -9.22 -14.31 23.64
C PRO A 99 -9.05 -12.86 24.13
N GLN A 100 -9.76 -12.48 25.22
CA GLN A 100 -9.72 -11.14 25.85
C GLN A 100 -8.29 -10.70 26.23
N THR A 101 -7.36 -11.65 26.42
CA THR A 101 -5.96 -11.30 26.68
C THR A 101 -5.31 -10.65 25.42
N GLY A 102 -5.82 -10.97 24.23
CA GLY A 102 -5.25 -10.45 22.99
C GLY A 102 -6.04 -9.36 22.30
N MET A 103 -7.24 -9.09 22.77
CA MET A 103 -8.11 -8.09 22.13
C MET A 103 -8.99 -7.54 23.23
N GLY A 104 -8.95 -6.23 23.40
CA GLY A 104 -9.73 -5.55 24.43
C GLY A 104 -8.92 -4.58 25.27
N ILE A 105 -9.05 -4.68 26.59
CA ILE A 105 -8.40 -3.78 27.51
C ILE A 105 -6.99 -4.23 27.91
N ASN A 106 -6.66 -5.50 27.67
CA ASN A 106 -5.38 -6.06 28.08
C ASN A 106 -4.21 -5.44 27.30
N PRO A 107 -3.11 -5.04 27.98
CA PRO A 107 -1.96 -4.50 27.24
C PRO A 107 -1.50 -5.51 26.17
N PHE A 108 -1.09 -4.96 25.02
CA PHE A 108 -0.57 -5.70 23.87
C PHE A 108 0.52 -6.71 24.31
N PHE A 109 1.44 -6.27 25.18
CA PHE A 109 2.50 -7.15 25.64
C PHE A 109 2.10 -8.26 26.61
N ASP A 110 0.87 -8.20 27.14
CA ASP A 110 0.46 -9.17 28.15
C ASP A 110 -0.33 -10.36 27.59
N ALA A 111 -0.47 -10.47 26.28
CA ALA A 111 -1.19 -11.60 25.67
C ALA A 111 -0.19 -12.77 25.58
N PRO A 112 -0.47 -13.91 26.24
CA PRO A 112 0.45 -15.07 26.14
C PRO A 112 0.32 -15.73 24.77
N TYR A 113 1.40 -16.34 24.28
CA TYR A 113 1.37 -16.93 22.95
C TYR A 113 0.29 -18.02 22.75
N ALA A 114 0.01 -18.86 23.76
CA ALA A 114 -1.04 -19.88 23.58
C ALA A 114 -2.37 -19.23 23.17
N ASP A 115 -2.68 -18.05 23.75
CA ASP A 115 -3.94 -17.34 23.44
C ASP A 115 -3.86 -16.74 22.01
N VAL A 116 -2.73 -16.07 21.68
CA VAL A 116 -2.55 -15.48 20.35
C VAL A 116 -2.62 -16.58 19.27
N SER A 117 -1.92 -17.71 19.51
CA SER A 117 -1.87 -18.85 18.61
C SER A 117 -3.28 -19.40 18.35
N LYS A 118 -4.10 -19.55 19.41
CA LYS A 118 -5.48 -20.03 19.20
C LYS A 118 -6.26 -19.05 18.31
N GLY A 119 -6.08 -17.76 18.57
CA GLY A 119 -6.71 -16.68 17.81
C GLY A 119 -6.32 -16.71 16.35
N ILE A 120 -5.03 -16.90 16.09
CA ILE A 120 -4.51 -16.96 14.72
C ILE A 120 -5.00 -18.25 14.01
N HIS A 121 -5.07 -19.39 14.75
CA HIS A 121 -5.55 -20.64 14.19
C HIS A 121 -6.97 -20.46 13.61
N ILE A 122 -7.87 -19.96 14.44
CA ILE A 122 -9.27 -19.77 14.10
C ILE A 122 -9.49 -18.63 13.11
N SER A 123 -8.79 -17.52 13.28
CA SER A 123 -9.04 -16.33 12.47
C SER A 123 -8.30 -16.26 11.14
N ALA A 124 -7.14 -16.93 11.01
CA ALA A 124 -6.36 -16.82 9.77
C ALA A 124 -6.07 -18.16 9.13
N TYR A 125 -5.41 -19.06 9.88
CA TYR A 125 -5.06 -20.38 9.33
C TYR A 125 -6.30 -21.14 8.83
N SER A 126 -7.46 -21.04 9.53
CA SER A 126 -8.67 -21.75 9.13
C SER A 126 -9.20 -21.35 7.73
N TYR A 127 -8.80 -20.16 7.23
CA TYR A 127 -9.21 -19.76 5.88
C TYR A 127 -8.57 -20.72 4.86
N ALA A 128 -7.29 -21.07 5.09
CA ALA A 128 -6.56 -22.06 4.29
C ALA A 128 -7.18 -23.47 4.53
N SER A 129 -7.48 -23.82 5.79
CA SER A 129 -8.07 -25.13 6.10
C SER A 129 -9.38 -25.38 5.36
N MET A 130 -10.26 -24.39 5.38
CA MET A 130 -11.55 -24.49 4.71
C MET A 130 -11.40 -24.59 3.19
N ALA A 131 -10.47 -23.80 2.62
CA ALA A 131 -10.22 -23.85 1.18
C ALA A 131 -9.64 -25.23 0.80
N LYS A 132 -8.73 -25.78 1.60
CA LYS A 132 -8.16 -27.10 1.35
C LYS A 132 -9.26 -28.16 1.31
N ALA A 133 -10.15 -28.11 2.30
CA ALA A 133 -11.23 -29.08 2.40
C ALA A 133 -12.28 -28.97 1.30
N LEU A 134 -12.61 -27.71 0.86
CA LEU A 134 -13.73 -27.50 -0.05
C LEU A 134 -13.37 -27.30 -1.53
N LEU A 135 -12.16 -26.86 -1.84
CA LEU A 135 -11.79 -26.72 -3.25
C LEU A 135 -12.05 -27.98 -4.08
N PRO A 136 -11.76 -29.22 -3.59
CA PRO A 136 -12.06 -30.43 -4.38
C PRO A 136 -13.54 -30.65 -4.74
N ILE A 137 -14.45 -29.92 -4.06
CA ILE A 137 -15.89 -30.02 -4.36
C ILE A 137 -16.46 -28.67 -4.82
N MET A 138 -15.60 -27.83 -5.47
CA MET A 138 -16.08 -26.55 -6.00
C MET A 138 -16.06 -26.55 -7.50
N ASN A 139 -17.06 -25.90 -8.09
CA ASN A 139 -17.17 -25.73 -9.53
C ASN A 139 -16.24 -24.63 -10.07
N PRO A 140 -15.76 -24.76 -11.32
CA PRO A 140 -15.02 -23.64 -11.94
C PRO A 140 -15.93 -22.42 -11.97
N GLY A 141 -15.36 -21.24 -11.75
CA GLY A 141 -16.09 -19.98 -11.68
C GLY A 141 -16.57 -19.69 -10.26
N GLY A 142 -16.23 -20.61 -9.35
CA GLY A 142 -16.57 -20.57 -7.94
C GLY A 142 -15.88 -19.42 -7.22
N SER A 143 -16.32 -19.16 -5.98
CA SER A 143 -15.80 -18.03 -5.23
C SER A 143 -15.72 -18.35 -3.74
N ILE A 144 -14.58 -18.04 -3.13
CA ILE A 144 -14.34 -18.18 -1.69
C ILE A 144 -14.20 -16.75 -1.15
N VAL A 145 -14.98 -16.42 -0.10
CA VAL A 145 -14.95 -15.05 0.46
C VAL A 145 -14.75 -15.15 1.98
N GLY A 146 -13.83 -14.36 2.51
CA GLY A 146 -13.61 -14.29 3.95
C GLY A 146 -13.84 -12.89 4.48
N MET A 147 -14.14 -12.78 5.77
CA MET A 147 -14.37 -11.48 6.44
C MET A 147 -13.09 -10.99 7.07
N ASP A 148 -12.82 -9.70 6.87
CA ASP A 148 -11.61 -9.05 7.32
C ASP A 148 -11.94 -7.65 7.84
N PHE A 149 -10.94 -7.00 8.38
CA PHE A 149 -10.96 -5.57 8.65
C PHE A 149 -9.59 -5.06 8.31
N ASP A 150 -9.49 -3.83 7.90
CA ASP A 150 -8.22 -3.23 7.50
C ASP A 150 -7.19 -3.19 8.63
N PRO A 151 -6.10 -3.99 8.53
CA PRO A 151 -5.11 -4.03 9.61
C PRO A 151 -3.80 -3.34 9.21
N SER A 152 -3.84 -2.51 8.15
CA SER A 152 -2.63 -1.85 7.64
C SER A 152 -2.05 -0.82 8.60
N ARG A 153 -2.90 -0.31 9.52
CA ARG A 153 -2.46 0.66 10.55
C ARG A 153 -2.87 0.12 11.92
N ALA A 154 -2.03 0.35 12.96
CA ALA A 154 -2.39 -0.13 14.29
C ALA A 154 -3.49 0.76 14.89
N MET A 155 -4.15 0.28 15.92
CA MET A 155 -5.31 0.96 16.49
C MET A 155 -5.41 0.53 17.96
N PRO A 156 -6.16 1.26 18.79
CA PRO A 156 -6.32 0.79 20.17
C PRO A 156 -7.17 -0.48 20.22
N ALA A 157 -6.96 -1.28 21.26
CA ALA A 157 -7.74 -2.45 21.70
C ALA A 157 -7.72 -3.69 20.81
N TYR A 158 -7.84 -3.56 19.48
CA TYR A 158 -7.92 -4.74 18.61
C TYR A 158 -6.62 -5.54 18.58
N ASN A 159 -5.49 -4.91 18.92
CA ASN A 159 -4.21 -5.57 19.18
C ASN A 159 -3.93 -6.85 18.38
N TRP A 160 -3.95 -8.03 19.03
CA TRP A 160 -3.59 -9.28 18.36
C TRP A 160 -4.63 -9.74 17.33
N MET A 161 -5.90 -9.26 17.43
CA MET A 161 -6.87 -9.57 16.38
C MET A 161 -6.45 -8.82 15.09
N THR A 162 -5.87 -7.59 15.23
CA THR A 162 -5.36 -6.89 14.07
C THR A 162 -4.21 -7.67 13.41
N VAL A 163 -3.32 -8.23 14.24
CA VAL A 163 -2.19 -9.06 13.77
C VAL A 163 -2.77 -10.30 13.05
N ALA A 164 -3.81 -10.93 13.63
CA ALA A 164 -4.46 -12.08 13.00
C ALA A 164 -5.05 -11.70 11.65
N LYS A 165 -5.66 -10.48 11.53
CA LYS A 165 -6.16 -10.05 10.21
C LYS A 165 -5.06 -9.79 9.20
N SER A 166 -3.87 -9.23 9.65
CA SER A 166 -2.73 -9.05 8.76
C SER A 166 -2.30 -10.42 8.21
N ALA A 167 -2.30 -11.46 9.10
CA ALA A 167 -1.95 -12.82 8.68
C ALA A 167 -3.02 -13.35 7.70
N LEU A 168 -4.31 -13.12 7.99
CA LEU A 168 -5.42 -13.57 7.12
C LEU A 168 -5.29 -12.96 5.71
N GLU A 169 -4.96 -11.65 5.62
CA GLU A 169 -4.80 -11.05 4.28
C GLU A 169 -3.71 -11.77 3.47
N SER A 170 -2.61 -12.13 4.14
CA SER A 170 -1.51 -12.85 3.50
C SER A 170 -1.98 -14.27 3.11
N VAL A 171 -2.68 -14.95 4.00
CA VAL A 171 -3.23 -16.29 3.72
C VAL A 171 -4.13 -16.24 2.47
N ASN A 172 -5.01 -15.24 2.38
CA ASN A 172 -5.91 -15.11 1.23
C ASN A 172 -5.15 -15.07 -0.10
N ARG A 173 -4.00 -14.36 -0.13
CA ARG A 173 -3.21 -14.27 -1.36
C ARG A 173 -2.64 -15.64 -1.76
N PHE A 174 -2.27 -16.48 -0.78
CA PHE A 174 -1.78 -17.83 -1.06
C PHE A 174 -2.95 -18.76 -1.44
N VAL A 175 -4.08 -18.59 -0.78
CA VAL A 175 -5.29 -19.40 -1.10
C VAL A 175 -5.68 -19.11 -2.57
N ALA A 176 -5.59 -17.85 -3.02
CA ALA A 176 -5.90 -17.50 -4.42
C ALA A 176 -5.04 -18.31 -5.41
N ARG A 177 -3.75 -18.52 -5.08
CA ARG A 177 -2.85 -19.32 -5.96
C ARG A 177 -3.39 -20.75 -6.07
N GLU A 178 -3.78 -21.36 -4.94
CA GLU A 178 -4.32 -22.72 -4.96
C GLU A 178 -5.68 -22.78 -5.64
N ALA A 179 -6.56 -21.83 -5.31
CA ALA A 179 -7.93 -21.81 -5.83
C ALA A 179 -7.96 -21.61 -7.34
N GLY A 180 -7.02 -20.84 -7.89
CA GLY A 180 -6.91 -20.59 -9.32
C GLY A 180 -6.79 -21.85 -10.16
N LYS A 181 -6.14 -22.89 -9.60
CA LYS A 181 -5.97 -24.21 -10.25
C LYS A 181 -7.33 -24.87 -10.54
N TYR A 182 -8.37 -24.53 -9.74
CA TYR A 182 -9.74 -25.03 -9.83
C TYR A 182 -10.67 -24.03 -10.55
N GLY A 183 -10.11 -22.90 -11.01
CA GLY A 183 -10.88 -21.82 -11.63
C GLY A 183 -11.74 -21.10 -10.60
N VAL A 184 -11.27 -21.08 -9.35
CA VAL A 184 -12.00 -20.48 -8.23
C VAL A 184 -11.26 -19.21 -7.73
N ARG A 185 -12.05 -18.15 -7.41
CA ARG A 185 -11.56 -16.89 -6.88
C ARG A 185 -11.55 -16.95 -5.33
N SER A 186 -10.64 -16.18 -4.70
CA SER A 186 -10.57 -16.10 -3.23
C SER A 186 -10.35 -14.64 -2.88
N ASN A 187 -11.28 -14.04 -2.13
CA ASN A 187 -11.17 -12.61 -1.78
C ASN A 187 -11.65 -12.39 -0.38
N LEU A 188 -11.27 -11.24 0.19
CA LEU A 188 -11.76 -10.90 1.54
C LEU A 188 -12.61 -9.63 1.41
N VAL A 189 -13.56 -9.48 2.31
CA VAL A 189 -14.31 -8.23 2.43
C VAL A 189 -13.86 -7.58 3.73
N ALA A 190 -13.29 -6.37 3.64
CA ALA A 190 -12.84 -5.62 4.82
C ALA A 190 -13.99 -4.69 5.20
N ALA A 191 -14.64 -4.99 6.32
CA ALA A 191 -15.79 -4.21 6.73
C ALA A 191 -15.42 -3.15 7.78
N GLY A 192 -16.24 -2.12 7.88
CA GLY A 192 -16.17 -1.17 8.97
C GLY A 192 -16.80 -1.83 10.20
N PRO A 193 -16.77 -1.16 11.37
CA PRO A 193 -17.33 -1.76 12.59
C PRO A 193 -18.84 -1.98 12.57
N ILE A 194 -19.29 -3.17 12.96
CA ILE A 194 -20.70 -3.56 13.01
C ILE A 194 -21.02 -4.05 14.42
N ARG A 195 -22.11 -3.52 14.99
CA ARG A 195 -22.59 -3.96 16.31
C ARG A 195 -23.24 -5.37 16.15
N THR A 196 -22.47 -6.45 16.41
CA THR A 196 -22.93 -7.84 16.27
C THR A 196 -23.17 -8.54 17.63
N ALA A 206 -19.53 -2.39 29.55
CA ALA A 206 -18.82 -3.60 29.93
C ALA A 206 -17.30 -3.50 29.80
N LEU A 207 -16.78 -2.64 28.90
CA LEU A 207 -15.33 -2.49 28.73
C LEU A 207 -14.70 -1.49 29.72
N GLY A 208 -15.53 -0.72 30.40
CA GLY A 208 -15.12 0.33 31.33
C GLY A 208 -15.11 1.67 30.61
N GLU A 209 -14.90 2.77 31.36
CA GLU A 209 -14.92 4.12 30.79
C GLU A 209 -13.85 4.39 29.72
N GLU A 210 -12.59 3.98 30.00
CA GLU A 210 -11.43 4.22 29.13
C GLU A 210 -11.52 3.53 27.79
N ALA A 211 -11.65 2.18 27.76
CA ALA A 211 -11.76 1.45 26.50
C ALA A 211 -13.06 1.77 25.78
N GLY A 212 -14.14 2.00 26.55
CA GLY A 212 -15.45 2.40 26.05
C GLY A 212 -15.38 3.69 25.25
N ALA A 213 -14.57 4.67 25.73
CA ALA A 213 -14.37 5.95 25.04
C ALA A 213 -13.51 5.75 23.77
N GLN A 214 -12.51 4.83 23.81
CA GLN A 214 -11.64 4.54 22.66
C GLN A 214 -12.41 3.93 21.51
N ILE A 215 -13.32 2.99 21.83
CA ILE A 215 -14.18 2.32 20.87
C ILE A 215 -15.19 3.30 20.26
N GLN A 216 -15.76 4.19 21.11
CA GLN A 216 -16.69 5.22 20.66
C GLN A 216 -15.99 6.17 19.66
N LEU A 217 -14.72 6.52 19.92
CA LEU A 217 -13.93 7.39 19.02
C LEU A 217 -13.66 6.68 17.69
N LEU A 218 -13.38 5.38 17.74
CA LEU A 218 -13.15 4.54 16.54
C LEU A 218 -14.40 4.55 15.66
N GLU A 219 -15.58 4.39 16.27
CA GLU A 219 -16.88 4.37 15.58
C GLU A 219 -17.25 5.71 14.97
N GLU A 220 -17.17 6.79 15.77
CA GLU A 220 -17.48 8.17 15.36
C GLU A 220 -16.58 8.57 14.21
N GLY A 221 -15.28 8.28 14.35
CA GLY A 221 -14.26 8.51 13.33
C GLY A 221 -14.59 7.85 12.00
N TRP A 222 -15.13 6.64 12.06
CA TRP A 222 -15.51 5.90 10.87
C TRP A 222 -16.59 6.58 10.02
N ASP A 223 -17.70 6.93 10.66
CA ASP A 223 -18.82 7.62 10.00
C ASP A 223 -18.37 9.00 9.51
N GLN A 224 -17.47 9.70 10.26
CA GLN A 224 -16.99 10.99 9.80
C GLN A 224 -16.02 10.85 8.61
N ARG A 225 -15.11 9.85 8.62
CA ARG A 225 -14.16 9.67 7.51
C ARG A 225 -14.84 9.15 6.24
N ALA A 226 -15.83 8.23 6.39
CA ALA A 226 -16.56 7.65 5.26
C ALA A 226 -17.30 8.73 4.47
N PRO A 227 -16.93 8.95 3.17
CA PRO A 227 -17.64 9.98 2.40
C PRO A 227 -19.14 9.76 2.28
N ILE A 228 -19.57 8.50 2.36
CA ILE A 228 -21.01 8.15 2.28
C ILE A 228 -21.57 7.76 3.64
N GLY A 229 -20.79 7.99 4.70
CA GLY A 229 -21.20 7.64 6.04
C GLY A 229 -21.05 6.15 6.30
N TRP A 230 -21.24 5.79 7.57
CA TRP A 230 -21.15 4.41 7.98
C TRP A 230 -22.19 4.19 9.10
N ASN A 231 -23.06 3.22 8.89
CA ASN A 231 -24.07 2.87 9.89
C ASN A 231 -23.62 1.57 10.56
N MET A 232 -23.08 1.69 11.78
CA MET A 232 -22.58 0.54 12.54
C MET A 232 -23.66 -0.46 12.93
N LYS A 233 -24.94 -0.07 12.88
CA LYS A 233 -26.03 -0.98 13.25
C LYS A 233 -26.50 -1.83 12.06
N ASP A 234 -25.98 -1.54 10.84
CA ASP A 234 -26.47 -2.19 9.64
C ASP A 234 -25.44 -3.07 8.91
N ALA A 235 -25.60 -4.42 8.98
CA ALA A 235 -24.70 -5.37 8.32
C ALA A 235 -25.07 -5.58 6.86
N THR A 236 -26.29 -5.14 6.43
CA THR A 236 -26.75 -5.39 5.04
C THR A 236 -25.73 -4.91 3.97
N PRO A 237 -25.10 -3.72 4.04
CA PRO A 237 -24.15 -3.33 2.97
C PRO A 237 -22.96 -4.28 2.86
N VAL A 238 -22.55 -4.87 4.00
CA VAL A 238 -21.47 -5.86 4.06
C VAL A 238 -21.94 -7.18 3.41
N ALA A 239 -23.15 -7.65 3.80
CA ALA A 239 -23.74 -8.88 3.24
C ALA A 239 -23.88 -8.76 1.71
N LYS A 240 -24.34 -7.60 1.22
CA LYS A 240 -24.47 -7.35 -0.22
C LYS A 240 -23.11 -7.45 -0.93
N THR A 241 -22.04 -6.87 -0.32
CA THR A 241 -20.70 -6.87 -0.91
C THR A 241 -20.18 -8.32 -1.03
N VAL A 242 -20.39 -9.14 0.02
CA VAL A 242 -20.02 -10.53 -0.02
C VAL A 242 -20.77 -11.22 -1.17
N CYS A 243 -22.09 -10.96 -1.30
CA CYS A 243 -22.86 -11.55 -2.41
C CYS A 243 -22.36 -11.09 -3.77
N ALA A 244 -21.89 -9.82 -3.91
CA ALA A 244 -21.30 -9.35 -5.17
C ALA A 244 -20.06 -10.25 -5.52
N LEU A 245 -19.23 -10.58 -4.51
CA LEU A 245 -18.05 -11.43 -4.76
C LEU A 245 -18.44 -12.87 -5.05
N LEU A 246 -19.57 -13.34 -4.46
CA LEU A 246 -20.02 -14.71 -4.74
C LEU A 246 -20.63 -14.85 -6.14
N SER A 247 -21.06 -13.73 -6.71
CA SER A 247 -21.70 -13.68 -8.03
C SER A 247 -20.68 -13.83 -9.17
N ASP A 248 -21.18 -13.74 -10.41
CA ASP A 248 -20.34 -13.80 -11.60
C ASP A 248 -19.89 -12.40 -12.03
N TRP A 249 -20.15 -11.35 -11.21
CA TRP A 249 -19.93 -9.96 -11.61
C TRP A 249 -18.55 -9.34 -11.28
N LEU A 250 -17.68 -10.10 -10.58
CA LEU A 250 -16.29 -9.64 -10.32
C LEU A 250 -15.42 -10.83 -10.75
N PRO A 251 -15.47 -11.22 -12.04
CA PRO A 251 -14.82 -12.46 -12.50
C PRO A 251 -13.32 -12.43 -12.62
N ALA A 252 -12.73 -11.25 -12.53
CA ALA A 252 -11.29 -11.14 -12.71
C ALA A 252 -10.61 -10.61 -11.44
N THR A 253 -11.28 -10.78 -10.28
CA THR A 253 -10.74 -10.31 -9.00
C THR A 253 -10.44 -11.52 -8.13
N THR A 254 -9.19 -11.67 -7.70
CA THR A 254 -8.75 -12.75 -6.81
C THR A 254 -7.53 -12.36 -6.02
N GLY A 255 -7.40 -12.98 -4.82
CA GLY A 255 -6.31 -12.73 -3.89
C GLY A 255 -6.42 -11.33 -3.33
N ASP A 256 -7.63 -10.75 -3.46
CA ASP A 256 -7.84 -9.34 -3.19
C ASP A 256 -8.72 -9.05 -1.98
N ILE A 257 -8.85 -7.75 -1.69
CA ILE A 257 -9.64 -7.22 -0.58
C ILE A 257 -10.56 -6.14 -1.12
N ILE A 258 -11.87 -6.31 -0.88
CA ILE A 258 -12.91 -5.34 -1.25
C ILE A 258 -13.32 -4.66 0.05
N TYR A 259 -13.28 -3.32 0.08
CA TYR A 259 -13.58 -2.60 1.28
C TYR A 259 -15.03 -2.18 1.34
N ALA A 260 -15.80 -2.75 2.28
CA ALA A 260 -17.19 -2.36 2.49
C ALA A 260 -17.15 -1.59 3.82
N ASP A 261 -16.63 -0.34 3.75
CA ASP A 261 -16.40 0.44 4.96
C ASP A 261 -16.84 1.91 4.82
N GLY A 262 -17.68 2.19 3.80
CA GLY A 262 -18.15 3.54 3.51
C GLY A 262 -17.09 4.44 2.88
N GLY A 263 -15.99 3.84 2.47
CA GLY A 263 -14.82 4.53 1.94
C GLY A 263 -13.94 5.14 3.01
N ALA A 264 -14.17 4.82 4.31
CA ALA A 264 -13.37 5.39 5.40
C ALA A 264 -11.86 5.19 5.24
N HIS A 265 -11.42 4.00 4.75
CA HIS A 265 -9.98 3.73 4.62
C HIS A 265 -9.27 4.62 3.60
N THR A 266 -10.06 5.36 2.75
CA THR A 266 -9.50 6.20 1.68
C THR A 266 -9.33 7.65 2.13
N GLN A 267 -9.73 7.97 3.39
CA GLN A 267 -9.75 9.31 3.92
C GLN A 267 -8.97 9.41 5.22
N LEU A 268 -8.10 10.41 5.32
CA LEU A 268 -7.28 10.63 6.51
C LEU A 268 -8.12 11.29 7.59
N LEU A 269 -8.91 12.27 7.20
CA LEU A 269 -9.82 13.01 8.07
C LEU A 269 -10.96 13.58 7.20
N THR B 2 34.45 15.45 11.24
CA THR B 2 34.08 14.04 11.02
C THR B 2 32.54 13.88 10.99
N GLY B 3 32.02 14.37 9.91
CA GLY B 3 30.59 14.43 9.65
C GLY B 3 30.06 13.35 8.75
N LEU B 4 28.74 13.20 8.82
CA LEU B 4 27.99 12.23 8.04
C LEU B 4 28.17 12.45 6.53
N LEU B 5 28.33 13.71 6.10
CA LEU B 5 28.42 14.03 4.68
C LEU B 5 29.76 14.66 4.31
N ASP B 6 30.84 14.31 5.06
CA ASP B 6 32.18 14.86 4.82
C ASP B 6 32.62 14.68 3.39
N GLY B 7 33.00 15.79 2.76
CA GLY B 7 33.51 15.81 1.39
C GLY B 7 32.48 15.64 0.30
N LYS B 8 31.16 15.56 0.66
CA LYS B 8 30.10 15.42 -0.35
C LYS B 8 29.70 16.78 -0.91
N ARG B 9 29.50 16.84 -2.23
CA ARG B 9 29.04 18.08 -2.90
C ARG B 9 27.56 17.90 -3.14
N ILE B 10 26.74 18.77 -2.54
CA ILE B 10 25.28 18.59 -2.59
C ILE B 10 24.55 19.85 -3.02
N LEU B 11 23.64 19.70 -3.98
CA LEU B 11 22.82 20.81 -4.44
C LEU B 11 21.53 20.82 -3.62
N VAL B 12 21.13 22.01 -3.10
CA VAL B 12 19.90 22.09 -2.31
C VAL B 12 19.03 23.20 -2.89
N SER B 13 17.86 22.83 -3.39
CA SER B 13 16.89 23.77 -3.94
C SER B 13 15.83 24.05 -2.87
N GLY B 14 15.06 25.11 -3.04
CA GLY B 14 13.90 25.32 -2.19
C GLY B 14 13.99 26.23 -1.00
N ILE B 15 15.11 26.96 -0.80
CA ILE B 15 15.18 27.91 0.29
C ILE B 15 14.44 29.17 -0.15
N ILE B 16 13.45 29.61 0.64
CA ILE B 16 12.79 30.91 0.44
C ILE B 16 12.86 31.73 1.76
N THR B 17 12.69 31.03 2.91
CA THR B 17 12.84 31.68 4.22
C THR B 17 13.72 30.79 5.11
N ASP B 18 14.07 31.27 6.32
CA ASP B 18 14.84 30.45 7.26
C ASP B 18 13.95 29.41 7.94
N SER B 19 12.64 29.39 7.61
CA SER B 19 11.71 28.36 8.09
C SER B 19 11.52 27.26 7.00
N SER B 20 12.04 27.50 5.78
CA SER B 20 11.94 26.51 4.69
C SER B 20 12.57 25.19 5.14
N ILE B 21 11.96 24.07 4.75
CA ILE B 21 12.57 22.78 5.08
C ILE B 21 13.98 22.72 4.47
N ALA B 22 14.15 23.27 3.25
CA ALA B 22 15.46 23.29 2.58
C ALA B 22 16.51 24.06 3.37
N PHE B 23 16.11 25.10 4.11
CA PHE B 23 17.06 25.87 4.93
C PHE B 23 17.63 24.92 6.01
N HIS B 24 16.74 24.16 6.68
CA HIS B 24 17.18 23.21 7.72
C HIS B 24 17.99 22.06 7.15
N ILE B 25 17.61 21.56 5.96
CA ILE B 25 18.39 20.51 5.30
C ILE B 25 19.80 21.06 5.01
N ALA B 26 19.88 22.28 4.43
CA ALA B 26 21.17 22.91 4.14
C ALA B 26 22.02 23.09 5.41
N ARG B 27 21.40 23.55 6.50
CA ARG B 27 22.10 23.78 7.77
C ARG B 27 22.67 22.47 8.31
N VAL B 28 21.83 21.42 8.39
CA VAL B 28 22.27 20.13 8.91
C VAL B 28 23.37 19.53 8.03
N ALA B 29 23.21 19.63 6.70
CA ALA B 29 24.18 19.10 5.74
C ALA B 29 25.55 19.79 5.94
N GLN B 30 25.56 21.14 6.12
CA GLN B 30 26.82 21.87 6.36
C GLN B 30 27.45 21.48 7.67
N GLU B 31 26.61 21.30 8.73
CA GLU B 31 27.09 20.88 10.06
C GLU B 31 27.77 19.52 9.95
N GLN B 32 27.31 18.70 8.99
CA GLN B 32 27.81 17.35 8.74
C GLN B 32 28.91 17.29 7.66
N GLY B 33 29.51 18.44 7.34
CA GLY B 33 30.66 18.53 6.44
C GLY B 33 30.40 18.60 4.94
N ALA B 34 29.13 18.71 4.51
CA ALA B 34 28.87 18.80 3.08
C ALA B 34 29.25 20.18 2.52
N GLN B 35 29.60 20.20 1.24
CA GLN B 35 29.90 21.43 0.50
C GLN B 35 28.68 21.64 -0.39
N LEU B 36 27.96 22.74 -0.18
CA LEU B 36 26.72 22.98 -0.89
C LEU B 36 26.75 23.94 -2.04
N VAL B 37 25.79 23.73 -2.96
CA VAL B 37 25.40 24.63 -4.04
C VAL B 37 23.90 24.82 -3.82
N LEU B 38 23.46 26.07 -3.72
CA LEU B 38 22.04 26.36 -3.46
C LEU B 38 21.35 26.91 -4.69
N THR B 39 20.06 26.60 -4.87
CA THR B 39 19.29 27.18 -5.99
C THR B 39 18.08 27.85 -5.42
N GLY B 40 17.73 28.99 -6.00
CA GLY B 40 16.58 29.77 -5.58
C GLY B 40 15.72 30.21 -6.73
N PHE B 41 14.48 30.54 -6.41
CA PHE B 41 13.53 31.00 -7.39
C PHE B 41 13.06 32.43 -7.14
N ASP B 42 13.14 33.23 -8.21
CA ASP B 42 12.63 34.59 -8.40
C ASP B 42 13.26 35.65 -7.51
N ARG B 43 13.04 35.56 -6.19
CA ARG B 43 13.53 36.58 -5.23
C ARG B 43 14.99 36.27 -4.83
N LEU B 44 15.91 36.27 -5.81
CA LEU B 44 17.29 35.85 -5.55
C LEU B 44 18.04 36.73 -4.57
N ARG B 45 17.75 38.03 -4.55
CA ARG B 45 18.39 38.93 -3.57
C ARG B 45 17.89 38.57 -2.17
N LEU B 46 16.55 38.35 -2.02
CA LEU B 46 15.93 37.94 -0.77
C LEU B 46 16.54 36.62 -0.28
N ILE B 47 16.67 35.64 -1.20
CA ILE B 47 17.21 34.31 -0.90
C ILE B 47 18.67 34.40 -0.51
N GLN B 48 19.43 35.24 -1.23
CA GLN B 48 20.84 35.43 -0.89
C GLN B 48 21.03 35.86 0.58
N ARG B 49 20.19 36.82 1.06
CA ARG B 49 20.22 37.32 2.45
C ARG B 49 19.89 36.20 3.45
N ILE B 50 18.93 35.31 3.10
CA ILE B 50 18.59 34.15 3.92
C ILE B 50 19.78 33.20 4.00
N THR B 51 20.46 32.97 2.88
CA THR B 51 21.58 32.01 2.87
C THR B 51 22.77 32.48 3.67
N ASP B 52 22.85 33.79 3.98
CA ASP B 52 23.89 34.35 4.82
C ASP B 52 23.70 33.84 6.27
N ARG B 53 22.49 33.33 6.62
CA ARG B 53 22.22 32.80 7.96
C ARG B 53 22.76 31.37 8.13
N LEU B 54 23.16 30.71 7.01
CA LEU B 54 23.71 29.38 7.09
C LEU B 54 25.12 29.39 7.71
N PRO B 55 25.55 28.29 8.38
CA PRO B 55 26.89 28.30 9.01
C PRO B 55 28.07 28.49 8.05
N ALA B 56 27.93 28.11 6.76
CA ALA B 56 29.03 28.29 5.81
C ALA B 56 28.54 28.92 4.52
N LYS B 57 29.44 29.63 3.81
CA LYS B 57 29.14 30.26 2.54
C LYS B 57 28.85 29.18 1.50
N ALA B 58 27.88 29.43 0.62
CA ALA B 58 27.55 28.50 -0.45
C ALA B 58 27.08 29.30 -1.65
N PRO B 59 27.51 28.94 -2.88
CA PRO B 59 27.06 29.70 -4.04
C PRO B 59 25.56 29.51 -4.28
N LEU B 60 24.88 30.57 -4.70
CA LEU B 60 23.45 30.56 -4.97
C LEU B 60 23.21 30.74 -6.45
N LEU B 61 22.49 29.80 -7.05
CA LEU B 61 22.18 29.83 -8.48
C LEU B 61 20.68 29.99 -8.70
N GLU B 62 20.30 30.69 -9.76
CA GLU B 62 18.89 30.88 -10.06
C GLU B 62 18.33 29.63 -10.74
N LEU B 63 17.17 29.18 -10.27
CA LEU B 63 16.48 28.07 -10.90
C LEU B 63 14.98 28.18 -10.76
N ASP B 64 14.33 28.54 -11.89
CA ASP B 64 12.88 28.50 -12.01
C ASP B 64 12.66 27.19 -12.76
N VAL B 65 12.07 26.20 -12.10
CA VAL B 65 11.88 24.89 -12.74
C VAL B 65 10.94 24.93 -13.95
N GLN B 66 10.17 26.01 -14.13
CA GLN B 66 9.26 26.12 -15.29
C GLN B 66 10.01 26.74 -16.48
N ASN B 67 11.25 27.17 -16.28
CA ASN B 67 12.02 27.84 -17.30
C ASN B 67 13.01 26.82 -17.90
N GLU B 68 12.75 26.40 -19.15
CA GLU B 68 13.59 25.42 -19.83
C GLU B 68 15.03 25.88 -20.04
N GLU B 69 15.24 27.19 -20.22
CA GLU B 69 16.57 27.76 -20.38
C GLU B 69 17.37 27.61 -19.06
N HIS B 70 16.73 27.83 -17.89
CA HIS B 70 17.41 27.63 -16.61
C HIS B 70 17.80 26.15 -16.46
N LEU B 71 16.94 25.23 -16.84
CA LEU B 71 17.27 23.81 -16.74
C LEU B 71 18.39 23.40 -17.70
N ALA B 72 18.39 23.96 -18.92
CA ALA B 72 19.41 23.67 -19.93
C ALA B 72 20.81 24.14 -19.51
N SER B 73 20.90 25.26 -18.76
CA SER B 73 22.19 25.83 -18.33
C SER B 73 22.60 25.37 -16.93
N LEU B 74 21.69 24.71 -16.20
CA LEU B 74 21.93 24.32 -14.81
C LEU B 74 23.22 23.54 -14.59
N ALA B 75 23.43 22.43 -15.32
CA ALA B 75 24.65 21.62 -15.09
C ALA B 75 25.94 22.45 -15.27
N GLY B 76 26.00 23.28 -16.32
CA GLY B 76 27.13 24.16 -16.58
C GLY B 76 27.36 25.15 -15.46
N ARG B 77 26.27 25.76 -14.95
CA ARG B 77 26.34 26.73 -13.85
C ARG B 77 26.79 26.06 -12.56
N VAL B 78 26.31 24.82 -12.30
CA VAL B 78 26.75 24.07 -11.11
C VAL B 78 28.22 23.72 -11.23
N THR B 79 28.67 23.28 -12.42
CA THR B 79 30.08 22.92 -12.67
C THR B 79 30.99 24.13 -12.43
N GLU B 80 30.57 25.34 -12.85
CA GLU B 80 31.36 26.55 -12.58
C GLU B 80 31.47 26.79 -11.06
N ALA B 81 30.36 26.57 -10.33
CA ALA B 81 30.31 26.74 -8.88
C ALA B 81 31.17 25.72 -8.11
N ILE B 82 31.19 24.45 -8.53
CA ILE B 82 31.94 23.39 -7.81
C ILE B 82 33.33 23.11 -8.39
N GLY B 83 33.61 23.64 -9.57
CA GLY B 83 34.88 23.43 -10.23
C GLY B 83 34.86 22.34 -11.26
N ALA B 84 35.53 22.59 -12.39
CA ALA B 84 35.65 21.64 -13.49
C ALA B 84 36.32 20.37 -12.98
N GLY B 85 35.80 19.23 -13.41
CA GLY B 85 36.30 17.93 -12.98
C GLY B 85 35.63 17.38 -11.73
N ASN B 86 34.83 18.22 -11.04
CA ASN B 86 34.06 17.81 -9.86
C ASN B 86 32.61 17.57 -10.21
N LYS B 87 32.00 16.62 -9.51
CA LYS B 87 30.60 16.25 -9.70
C LYS B 87 29.86 16.29 -8.38
N LEU B 88 28.52 16.35 -8.47
CA LEU B 88 27.66 16.32 -7.30
C LEU B 88 27.51 14.91 -6.75
N ASP B 89 27.42 14.80 -5.43
CA ASP B 89 27.11 13.54 -4.74
C ASP B 89 25.64 13.52 -4.32
N GLY B 90 25.00 14.68 -4.25
CA GLY B 90 23.61 14.74 -3.83
C GLY B 90 22.84 15.90 -4.44
N VAL B 91 21.52 15.73 -4.51
CA VAL B 91 20.60 16.74 -5.03
C VAL B 91 19.39 16.66 -4.12
N VAL B 92 18.93 17.82 -3.66
CA VAL B 92 17.72 17.91 -2.85
C VAL B 92 16.71 18.78 -3.57
N HIS B 93 15.53 18.19 -3.85
CA HIS B 93 14.40 18.88 -4.45
C HIS B 93 13.48 19.22 -3.27
N SER B 94 13.35 20.51 -2.92
CA SER B 94 12.42 20.87 -1.83
C SER B 94 11.57 22.03 -2.35
N ILE B 95 10.89 21.73 -3.48
CA ILE B 95 10.14 22.70 -4.27
C ILE B 95 8.70 22.23 -4.35
N GLY B 96 7.78 23.15 -4.09
CA GLY B 96 6.38 22.86 -4.19
C GLY B 96 5.59 24.13 -4.35
N PHE B 97 4.48 24.04 -5.08
CA PHE B 97 3.60 25.16 -5.27
C PHE B 97 2.28 24.69 -5.80
N MET B 98 1.20 25.25 -5.24
CA MET B 98 -0.14 25.03 -5.77
C MET B 98 -0.92 26.34 -5.55
N PRO B 99 -1.46 26.98 -6.59
CA PRO B 99 -2.24 28.23 -6.35
C PRO B 99 -3.39 28.02 -5.38
N GLN B 100 -3.83 29.12 -4.71
CA GLN B 100 -4.90 29.16 -3.72
C GLN B 100 -6.21 28.51 -4.23
N THR B 101 -6.44 28.54 -5.55
CA THR B 101 -7.63 27.91 -6.14
C THR B 101 -7.59 26.39 -5.98
N GLY B 102 -6.38 25.82 -5.87
CA GLY B 102 -6.21 24.36 -5.76
C GLY B 102 -5.80 23.81 -4.43
N MET B 103 -5.50 24.68 -3.46
CA MET B 103 -5.03 24.31 -2.13
C MET B 103 -5.55 25.37 -1.17
N GLY B 104 -6.36 24.95 -0.19
CA GLY B 104 -6.92 25.88 0.79
C GLY B 104 -8.41 25.72 1.04
N ILE B 105 -9.13 26.83 1.14
CA ILE B 105 -10.57 26.81 1.39
C ILE B 105 -11.42 26.68 0.11
N ASN B 106 -10.80 26.91 -1.07
CA ASN B 106 -11.49 26.87 -2.36
C ASN B 106 -12.03 25.46 -2.65
N PRO B 107 -13.31 25.31 -3.10
CA PRO B 107 -13.78 23.95 -3.41
C PRO B 107 -12.86 23.27 -4.43
N PHE B 108 -12.61 21.99 -4.20
CA PHE B 108 -11.81 21.11 -5.05
C PHE B 108 -12.24 21.24 -6.53
N PHE B 109 -13.56 21.32 -6.76
CA PHE B 109 -14.10 21.41 -8.11
C PHE B 109 -13.90 22.77 -8.79
N ASP B 110 -13.56 23.81 -8.03
CA ASP B 110 -13.42 25.15 -8.59
C ASP B 110 -12.00 25.51 -9.04
N ALA B 111 -11.02 24.59 -8.93
CA ALA B 111 -9.66 24.88 -9.38
C ALA B 111 -9.61 24.73 -10.92
N PRO B 112 -9.28 25.82 -11.65
CA PRO B 112 -9.17 25.68 -13.12
C PRO B 112 -7.91 24.87 -13.48
N TYR B 113 -7.94 24.19 -14.62
CA TYR B 113 -6.79 23.35 -14.99
C TYR B 113 -5.47 24.13 -15.13
N ALA B 114 -5.49 25.38 -15.65
CA ALA B 114 -4.23 26.14 -15.77
C ALA B 114 -3.52 26.24 -14.40
N ASP B 115 -4.29 26.37 -13.31
CA ASP B 115 -3.72 26.46 -11.96
C ASP B 115 -3.19 25.09 -11.52
N VAL B 116 -3.99 24.03 -11.69
CA VAL B 116 -3.58 22.68 -11.33
C VAL B 116 -2.30 22.27 -12.10
N SER B 117 -2.28 22.55 -13.41
CA SER B 117 -1.15 22.27 -14.30
C SER B 117 0.12 22.98 -13.82
N LYS B 118 0.01 24.26 -13.42
CA LYS B 118 1.18 24.96 -12.91
C LYS B 118 1.69 24.27 -11.64
N GLY B 119 0.76 23.93 -10.77
CA GLY B 119 1.08 23.28 -9.50
C GLY B 119 1.75 21.92 -9.71
N ILE B 120 1.26 21.12 -10.67
CA ILE B 120 1.85 19.82 -10.98
C ILE B 120 3.23 19.99 -11.64
N HIS B 121 3.39 21.02 -12.52
CA HIS B 121 4.66 21.28 -13.16
C HIS B 121 5.76 21.51 -12.10
N ILE B 122 5.50 22.43 -11.19
CA ILE B 122 6.47 22.82 -10.17
C ILE B 122 6.65 21.71 -9.12
N SER B 123 5.56 21.08 -8.69
CA SER B 123 5.59 20.14 -7.56
C SER B 123 5.96 18.70 -7.90
N ALA B 124 5.71 18.25 -9.15
CA ALA B 124 5.96 16.85 -9.51
C ALA B 124 6.86 16.70 -10.73
N TYR B 125 6.45 17.28 -11.86
CA TYR B 125 7.23 17.13 -13.11
C TYR B 125 8.68 17.65 -12.90
N SER B 126 8.87 18.73 -12.13
CA SER B 126 10.20 19.29 -11.92
C SER B 126 11.19 18.35 -11.22
N TYR B 127 10.68 17.32 -10.51
CA TYR B 127 11.59 16.35 -9.90
C TYR B 127 12.31 15.58 -11.04
N ALA B 128 11.56 15.21 -12.11
CA ALA B 128 12.16 14.60 -13.31
C ALA B 128 13.09 15.64 -14.00
N SER B 129 12.65 16.89 -14.14
CA SER B 129 13.43 17.93 -14.83
C SER B 129 14.81 18.11 -14.17
N MET B 130 14.82 18.19 -12.85
CA MET B 130 16.05 18.38 -12.08
C MET B 130 16.96 17.18 -12.21
N ALA B 131 16.39 15.96 -12.16
CA ALA B 131 17.19 14.75 -12.31
C ALA B 131 17.77 14.67 -13.73
N LYS B 132 17.00 15.06 -14.75
CA LYS B 132 17.49 15.05 -16.13
C LYS B 132 18.69 15.98 -16.27
N ALA B 133 18.57 17.19 -15.70
CA ALA B 133 19.62 18.18 -15.80
C ALA B 133 20.89 17.80 -15.01
N LEU B 134 20.72 17.18 -13.82
CA LEU B 134 21.84 16.95 -12.91
C LEU B 134 22.45 15.55 -12.92
N LEU B 135 21.72 14.52 -13.33
CA LEU B 135 22.32 13.18 -13.42
C LEU B 135 23.64 13.14 -14.21
N PRO B 136 23.77 13.84 -15.37
CA PRO B 136 25.07 13.87 -16.09
C PRO B 136 26.24 14.45 -15.31
N ILE B 137 25.96 15.17 -14.19
CA ILE B 137 27.04 15.72 -13.35
C ILE B 137 26.99 15.10 -11.92
N MET B 138 26.48 13.85 -11.79
CA MET B 138 26.45 13.17 -10.50
C MET B 138 27.38 11.98 -10.47
N ASN B 139 28.01 11.77 -9.31
CA ASN B 139 28.89 10.65 -9.08
C ASN B 139 28.15 9.36 -8.78
N PRO B 140 28.75 8.19 -9.12
CA PRO B 140 28.17 6.91 -8.67
C PRO B 140 28.13 6.91 -7.13
N GLY B 141 27.08 6.32 -6.57
CA GLY B 141 26.82 6.31 -5.14
C GLY B 141 26.06 7.53 -4.67
N GLY B 142 25.74 8.41 -5.63
CA GLY B 142 25.01 9.65 -5.42
C GLY B 142 23.58 9.42 -4.93
N SER B 143 22.93 10.52 -4.54
CA SER B 143 21.59 10.43 -4.01
C SER B 143 20.76 11.65 -4.37
N ILE B 144 19.54 11.41 -4.88
CA ILE B 144 18.56 12.47 -5.18
C ILE B 144 17.43 12.28 -4.18
N VAL B 145 17.06 13.36 -3.46
CA VAL B 145 15.99 13.30 -2.45
C VAL B 145 14.97 14.40 -2.73
N GLY B 146 13.69 14.06 -2.72
CA GLY B 146 12.63 15.06 -2.84
C GLY B 146 11.74 15.06 -1.61
N MET B 147 11.05 16.18 -1.37
CA MET B 147 10.14 16.32 -0.23
C MET B 147 8.72 15.99 -0.66
N ASP B 148 8.06 15.21 0.17
CA ASP B 148 6.72 14.69 -0.10
C ASP B 148 5.90 14.74 1.16
N PHE B 149 4.62 14.40 1.04
CA PHE B 149 3.76 14.10 2.16
C PHE B 149 2.89 12.97 1.70
N ASP B 150 2.46 12.15 2.63
CA ASP B 150 1.65 10.98 2.31
C ASP B 150 0.31 11.34 1.65
N PRO B 151 0.15 11.04 0.34
CA PRO B 151 -1.10 11.39 -0.35
C PRO B 151 -2.00 10.17 -0.60
N SER B 152 -1.72 9.04 0.09
CA SER B 152 -2.44 7.78 -0.12
C SER B 152 -3.91 7.82 0.31
N ARG B 153 -4.26 8.80 1.17
CA ARG B 153 -5.64 9.04 1.61
C ARG B 153 -5.97 10.53 1.42
N ALA B 154 -7.21 10.87 1.02
CA ALA B 154 -7.61 12.26 0.84
C ALA B 154 -7.77 12.93 2.23
N MET B 155 -7.81 14.26 2.24
CA MET B 155 -7.81 15.05 3.46
C MET B 155 -8.45 16.40 3.14
N PRO B 156 -8.89 17.18 4.14
CA PRO B 156 -9.42 18.51 3.81
C PRO B 156 -8.31 19.45 3.34
N ALA B 157 -8.68 20.45 2.54
CA ALA B 157 -7.88 21.59 2.10
C ALA B 157 -6.71 21.34 1.14
N TYR B 158 -5.85 20.33 1.39
CA TYR B 158 -4.66 20.15 0.54
C TYR B 158 -5.01 19.76 -0.91
N ASN B 159 -6.22 19.31 -1.12
CA ASN B 159 -6.83 19.04 -2.44
C ASN B 159 -5.85 18.74 -3.60
N TRP B 160 -5.66 19.71 -4.54
CA TRP B 160 -4.83 19.44 -5.71
C TRP B 160 -3.35 19.29 -5.37
N MET B 161 -2.87 19.87 -4.22
CA MET B 161 -1.47 19.64 -3.83
C MET B 161 -1.31 18.14 -3.45
N THR B 162 -2.36 17.52 -2.86
CA THR B 162 -2.28 16.08 -2.55
C THR B 162 -2.16 15.27 -3.88
N VAL B 163 -2.95 15.67 -4.89
CA VAL B 163 -2.90 15.05 -6.24
C VAL B 163 -1.49 15.19 -6.81
N ALA B 164 -0.88 16.40 -6.67
CA ALA B 164 0.47 16.66 -7.16
C ALA B 164 1.46 15.76 -6.43
N LYS B 165 1.27 15.54 -5.08
CA LYS B 165 2.19 14.60 -4.40
C LYS B 165 2.03 13.14 -4.86
N SER B 166 0.78 12.69 -5.14
CA SER B 166 0.55 11.35 -5.71
C SER B 166 1.33 11.23 -7.03
N ALA B 167 1.30 12.28 -7.87
CA ALA B 167 2.03 12.30 -9.14
C ALA B 167 3.55 12.27 -8.85
N LEU B 168 4.02 13.05 -7.85
CA LEU B 168 5.43 13.10 -7.49
C LEU B 168 5.94 11.70 -7.06
N GLU B 169 5.16 10.99 -6.22
CA GLU B 169 5.59 9.64 -5.81
C GLU B 169 5.82 8.73 -7.04
N SER B 170 4.94 8.82 -8.04
CA SER B 170 5.05 8.03 -9.27
C SER B 170 6.29 8.49 -10.05
N VAL B 171 6.49 9.80 -10.17
CA VAL B 171 7.67 10.35 -10.88
C VAL B 171 8.96 9.80 -10.24
N ASN B 172 9.03 9.80 -8.90
CA ASN B 172 10.22 9.31 -8.18
C ASN B 172 10.54 7.87 -8.58
N ARG B 173 9.52 7.04 -8.75
CA ARG B 173 9.76 5.64 -9.13
C ARG B 173 10.38 5.52 -10.54
N PHE B 174 9.95 6.39 -11.46
CA PHE B 174 10.56 6.41 -12.81
C PHE B 174 11.96 7.07 -12.78
N VAL B 175 12.15 8.12 -11.98
CA VAL B 175 13.46 8.78 -11.86
C VAL B 175 14.46 7.73 -11.32
N ALA B 176 14.04 6.86 -10.37
CA ALA B 176 14.92 5.82 -9.86
C ALA B 176 15.46 4.90 -10.98
N ARG B 177 14.61 4.58 -12.00
CA ARG B 177 15.02 3.72 -13.12
C ARG B 177 16.14 4.43 -13.89
N GLU B 178 15.97 5.74 -14.17
CA GLU B 178 16.99 6.50 -14.89
C GLU B 178 18.26 6.70 -14.04
N ALA B 179 18.09 7.08 -12.76
CA ALA B 179 19.20 7.36 -11.87
C ALA B 179 20.07 6.12 -11.64
N GLY B 180 19.46 4.94 -11.60
CA GLY B 180 20.17 3.67 -11.38
C GLY B 180 21.25 3.40 -12.42
N LYS B 181 21.05 3.87 -13.66
CA LYS B 181 22.01 3.77 -14.77
C LYS B 181 23.33 4.50 -14.43
N TYR B 182 23.27 5.53 -13.56
CA TYR B 182 24.40 6.34 -13.10
C TYR B 182 24.91 5.87 -11.72
N GLY B 183 24.29 4.84 -11.17
CA GLY B 183 24.62 4.35 -9.83
C GLY B 183 24.12 5.31 -8.76
N VAL B 184 23.04 6.05 -9.08
CA VAL B 184 22.46 7.06 -8.20
C VAL B 184 21.09 6.60 -7.69
N ARG B 185 20.81 6.85 -6.40
CA ARG B 185 19.53 6.54 -5.78
C ARG B 185 18.59 7.75 -5.87
N SER B 186 17.29 7.48 -5.93
CA SER B 186 16.27 8.54 -5.93
C SER B 186 15.21 8.16 -4.88
N ASN B 187 14.91 9.07 -3.93
CA ASN B 187 13.92 8.73 -2.89
C ASN B 187 13.22 9.98 -2.42
N LEU B 188 12.08 9.81 -1.79
CA LEU B 188 11.36 10.94 -1.25
C LEU B 188 11.31 10.80 0.26
N VAL B 189 11.24 11.94 0.96
CA VAL B 189 10.98 11.94 2.40
C VAL B 189 9.58 12.50 2.55
N ALA B 190 8.67 11.70 3.15
CA ALA B 190 7.29 12.11 3.41
C ALA B 190 7.29 12.66 4.82
N ALA B 191 7.11 13.96 4.94
CA ALA B 191 7.18 14.59 6.27
C ALA B 191 5.79 14.87 6.84
N GLY B 192 5.73 14.98 8.15
CA GLY B 192 4.54 15.43 8.84
C GLY B 192 4.48 16.94 8.67
N PRO B 193 3.39 17.59 9.13
CA PRO B 193 3.23 19.04 8.91
C PRO B 193 4.22 19.89 9.72
N ILE B 194 4.87 20.84 9.04
CA ILE B 194 5.84 21.75 9.62
C ILE B 194 5.34 23.19 9.37
N ARG B 195 5.36 23.99 10.42
CA ARG B 195 4.97 25.42 10.29
C ARG B 195 6.14 26.13 9.57
N THR B 196 6.06 26.29 8.22
CA THR B 196 7.12 26.94 7.42
C THR B 196 6.75 28.36 6.95
N ALA B 213 -9.80 26.35 10.64
CA ALA B 213 -8.77 25.66 11.41
C ALA B 213 -8.59 24.19 10.96
N GLN B 214 -8.69 23.95 9.62
CA GLN B 214 -8.52 22.63 9.01
C GLN B 214 -7.10 22.12 9.20
N ILE B 215 -6.09 23.00 8.98
CA ILE B 215 -4.67 22.71 9.15
C ILE B 215 -4.35 22.46 10.63
N GLN B 216 -4.94 23.25 11.56
CA GLN B 216 -4.76 23.07 13.00
C GLN B 216 -5.25 21.67 13.43
N LEU B 217 -6.41 21.24 12.90
CA LEU B 217 -6.99 19.93 13.18
C LEU B 217 -6.10 18.81 12.65
N LEU B 218 -5.50 19.01 11.45
CA LEU B 218 -4.58 18.05 10.82
C LEU B 218 -3.36 17.85 11.71
N GLU B 219 -2.73 18.95 12.21
CA GLU B 219 -1.56 18.93 13.10
C GLU B 219 -1.84 18.28 14.46
N GLU B 220 -2.97 18.63 15.12
CA GLU B 220 -3.36 18.03 16.40
C GLU B 220 -3.42 16.49 16.28
N GLY B 221 -4.11 16.00 15.25
CA GLY B 221 -4.29 14.58 14.97
C GLY B 221 -2.99 13.86 14.64
N TRP B 222 -2.00 14.63 14.14
CA TRP B 222 -0.67 14.13 13.82
C TRP B 222 0.12 13.77 15.09
N ASP B 223 0.26 14.71 16.01
CA ASP B 223 0.97 14.49 17.26
C ASP B 223 0.26 13.38 18.07
N GLN B 224 -1.09 13.30 17.98
CA GLN B 224 -1.88 12.25 18.66
C GLN B 224 -1.62 10.87 18.05
N ARG B 225 -1.67 10.74 16.71
CA ARG B 225 -1.40 9.45 16.02
C ARG B 225 0.10 9.03 16.09
N ALA B 226 1.04 9.99 16.15
CA ALA B 226 2.49 9.69 16.13
C ALA B 226 2.96 8.94 17.41
N PRO B 227 3.37 7.66 17.36
CA PRO B 227 3.83 7.00 18.61
C PRO B 227 4.96 7.71 19.36
N ILE B 228 5.81 8.45 18.62
CA ILE B 228 6.92 9.21 19.22
C ILE B 228 6.61 10.71 19.24
N GLY B 229 5.37 11.06 18.92
CA GLY B 229 4.92 12.44 18.94
C GLY B 229 5.40 13.17 17.70
N TRP B 230 4.88 14.40 17.51
CA TRP B 230 5.26 15.20 16.37
C TRP B 230 5.29 16.68 16.76
N ASN B 231 6.43 17.33 16.56
CA ASN B 231 6.59 18.75 16.85
C ASN B 231 6.54 19.52 15.53
N MET B 232 5.38 20.13 15.24
CA MET B 232 5.15 20.90 14.00
C MET B 232 6.08 22.14 13.86
N LYS B 233 6.68 22.59 14.95
CA LYS B 233 7.55 23.76 14.87
C LYS B 233 9.00 23.39 14.57
N ASP B 234 9.32 22.08 14.52
CA ASP B 234 10.70 21.61 14.39
C ASP B 234 11.00 20.84 13.10
N ALA B 235 11.71 21.48 12.17
CA ALA B 235 12.07 20.82 10.90
C ALA B 235 13.33 19.92 11.01
N THR B 236 14.07 20.02 12.14
CA THR B 236 15.34 19.27 12.29
C THR B 236 15.19 17.75 12.08
N PRO B 237 14.15 17.04 12.62
CA PRO B 237 14.08 15.58 12.37
C PRO B 237 13.91 15.24 10.87
N VAL B 238 13.24 16.13 10.13
CA VAL B 238 13.04 15.97 8.69
C VAL B 238 14.38 16.20 7.98
N ALA B 239 15.10 17.29 8.34
CA ALA B 239 16.40 17.61 7.76
C ALA B 239 17.39 16.45 8.00
N LYS B 240 17.39 15.88 9.21
CA LYS B 240 18.27 14.75 9.55
C LYS B 240 17.95 13.53 8.65
N THR B 241 16.66 13.26 8.43
CA THR B 241 16.21 12.12 7.58
C THR B 241 16.71 12.30 6.15
N VAL B 242 16.60 13.52 5.62
CA VAL B 242 17.09 13.82 4.26
C VAL B 242 18.59 13.55 4.24
N CYS B 243 19.34 14.03 5.27
CA CYS B 243 20.77 13.78 5.33
C CYS B 243 21.11 12.30 5.42
N ALA B 244 20.29 11.50 6.13
CA ALA B 244 20.50 10.03 6.16
C ALA B 244 20.43 9.47 4.71
N LEU B 245 19.48 9.93 3.90
CA LEU B 245 19.36 9.45 2.52
C LEU B 245 20.49 9.96 1.64
N LEU B 246 21.03 11.15 1.95
CA LEU B 246 22.16 11.70 1.18
C LEU B 246 23.48 10.98 1.51
N SER B 247 23.53 10.35 2.69
CA SER B 247 24.72 9.64 3.17
C SER B 247 24.91 8.31 2.46
N ASP B 248 25.95 7.57 2.88
CA ASP B 248 26.24 6.24 2.33
C ASP B 248 25.52 5.14 3.13
N TRP B 249 24.66 5.49 4.11
CA TRP B 249 24.07 4.53 5.04
C TRP B 249 22.74 3.89 4.63
N LEU B 250 22.14 4.29 3.50
CA LEU B 250 20.93 3.62 2.98
C LEU B 250 21.25 3.31 1.49
N PRO B 251 22.27 2.45 1.26
CA PRO B 251 22.77 2.25 -0.11
C PRO B 251 21.95 1.35 -1.01
N ALA B 252 20.96 0.69 -0.43
CA ALA B 252 20.13 -0.25 -1.21
C ALA B 252 18.66 0.18 -1.26
N THR B 253 18.40 1.48 -1.01
CA THR B 253 17.06 2.03 -1.03
C THR B 253 16.95 2.98 -2.21
N THR B 254 15.99 2.73 -3.12
CA THR B 254 15.74 3.64 -4.26
C THR B 254 14.32 3.49 -4.77
N GLY B 255 13.80 4.56 -5.38
CA GLY B 255 12.44 4.68 -5.89
C GLY B 255 11.45 4.64 -4.75
N ASP B 256 11.96 4.91 -3.54
CA ASP B 256 11.22 4.73 -2.31
C ASP B 256 10.84 5.98 -1.54
N ILE B 257 10.07 5.79 -0.46
CA ILE B 257 9.56 6.86 0.39
C ILE B 257 9.93 6.51 1.83
N ILE B 258 10.64 7.42 2.49
CA ILE B 258 10.99 7.31 3.92
C ILE B 258 10.07 8.28 4.64
N TYR B 259 9.37 7.78 5.67
CA TYR B 259 8.42 8.63 6.38
C TYR B 259 9.03 9.26 7.61
N ALA B 260 9.17 10.59 7.61
CA ALA B 260 9.70 11.32 8.77
C ALA B 260 8.46 12.05 9.30
N ASP B 261 7.56 11.30 9.92
CA ASP B 261 6.27 11.84 10.33
C ASP B 261 5.88 11.44 11.77
N GLY B 262 6.87 10.95 12.53
CA GLY B 262 6.66 10.48 13.89
C GLY B 262 5.91 9.16 13.96
N GLY B 263 5.83 8.46 12.82
CA GLY B 263 5.11 7.20 12.68
C GLY B 263 3.60 7.37 12.56
N ALA B 264 3.14 8.60 12.35
CA ALA B 264 1.69 8.83 12.28
C ALA B 264 0.98 8.06 11.19
N HIS B 265 1.62 7.85 10.03
CA HIS B 265 0.94 7.14 8.94
C HIS B 265 0.70 5.64 9.25
N THR B 266 1.32 5.12 10.33
CA THR B 266 1.25 3.71 10.71
C THR B 266 0.15 3.43 11.72
N GLN B 267 -0.58 4.47 12.14
CA GLN B 267 -1.58 4.38 13.21
C GLN B 267 -2.90 4.96 12.73
N LEU B 268 -3.99 4.24 12.99
CA LEU B 268 -5.30 4.67 12.58
C LEU B 268 -5.80 5.75 13.51
N LEU B 269 -5.61 5.53 14.81
CA LEU B 269 -5.96 6.42 15.92
C LEU B 269 -5.19 5.96 17.16
N THR C 2 35.51 7.75 15.40
CA THR C 2 34.40 8.65 15.06
C THR C 2 33.40 7.96 14.11
N GLY C 3 32.64 7.09 14.73
CA GLY C 3 31.66 6.24 14.08
C GLY C 3 30.21 6.65 14.23
N LEU C 4 29.38 6.11 13.36
CA LEU C 4 27.94 6.36 13.32
C LEU C 4 27.25 5.99 14.65
N LEU C 5 27.76 4.96 15.32
CA LEU C 5 27.13 4.44 16.54
C LEU C 5 28.03 4.57 17.77
N ASP C 6 28.94 5.58 17.75
CA ASP C 6 29.90 5.79 18.84
C ASP C 6 29.21 5.87 20.20
N GLY C 7 29.66 5.05 21.14
CA GLY C 7 29.14 5.03 22.50
C GLY C 7 27.79 4.37 22.69
N LYS C 8 27.19 3.81 21.62
CA LYS C 8 25.88 3.16 21.73
C LYS C 8 26.03 1.71 22.19
N ARG C 9 25.15 1.28 23.11
CA ARG C 9 25.11 -0.10 23.57
C ARG C 9 23.98 -0.78 22.84
N ILE C 10 24.30 -1.79 22.04
CA ILE C 10 23.30 -2.43 21.17
C ILE C 10 23.27 -3.94 21.33
N LEU C 11 22.08 -4.50 21.45
CA LEU C 11 21.89 -5.95 21.55
C LEU C 11 21.62 -6.46 20.16
N VAL C 12 22.31 -7.53 19.74
CA VAL C 12 22.11 -8.11 18.42
C VAL C 12 21.82 -9.58 18.58
N SER C 13 20.63 -10.00 18.17
CA SER C 13 20.24 -11.40 18.19
C SER C 13 20.38 -11.96 16.79
N GLY C 14 20.37 -13.29 16.68
CA GLY C 14 20.28 -13.91 15.35
C GLY C 14 21.55 -14.34 14.65
N ILE C 15 22.70 -14.31 15.34
CA ILE C 15 23.92 -14.84 14.71
C ILE C 15 23.90 -16.37 14.84
N ILE C 16 24.06 -17.08 13.73
CA ILE C 16 24.25 -18.54 13.75
C ILE C 16 25.52 -18.90 12.93
N THR C 17 25.75 -18.20 11.80
CA THR C 17 26.94 -18.39 10.97
C THR C 17 27.54 -17.02 10.65
N ASP C 18 28.72 -17.00 10.02
CA ASP C 18 29.30 -15.71 9.63
C ASP C 18 28.63 -15.17 8.35
N SER C 19 27.67 -15.94 7.78
CA SER C 19 26.83 -15.52 6.65
C SER C 19 25.51 -14.89 7.16
N SER C 20 25.15 -15.09 8.45
CA SER C 20 23.90 -14.55 9.05
C SER C 20 23.86 -13.04 8.81
N ILE C 21 22.67 -12.51 8.51
CA ILE C 21 22.57 -11.05 8.37
C ILE C 21 23.02 -10.39 9.70
N ALA C 22 22.66 -10.99 10.85
CA ALA C 22 23.03 -10.43 12.16
C ALA C 22 24.56 -10.37 12.34
N PHE C 23 25.31 -11.30 11.73
CA PHE C 23 26.78 -11.24 11.83
C PHE C 23 27.26 -9.94 11.17
N HIS C 24 26.74 -9.65 9.97
CA HIS C 24 27.13 -8.44 9.24
C HIS C 24 26.67 -7.19 9.94
N ILE C 25 25.45 -7.21 10.54
CA ILE C 25 24.94 -6.07 11.31
C ILE C 25 25.90 -5.83 12.48
N ALA C 26 26.26 -6.91 13.22
CA ALA C 26 27.19 -6.81 14.36
C ALA C 26 28.54 -6.25 13.94
N ARG C 27 29.09 -6.74 12.80
CA ARG C 27 30.38 -6.30 12.28
C ARG C 27 30.35 -4.81 11.96
N VAL C 28 29.36 -4.37 11.18
CA VAL C 28 29.26 -2.97 10.78
C VAL C 28 29.07 -2.06 12.00
N ALA C 29 28.21 -2.48 12.97
CA ALA C 29 27.97 -1.70 14.19
C ALA C 29 29.28 -1.53 15.00
N GLN C 30 30.07 -2.61 15.14
CA GLN C 30 31.34 -2.50 15.85
C GLN C 30 32.32 -1.59 15.11
N GLU C 31 32.40 -1.69 13.78
CA GLU C 31 33.26 -0.81 12.97
C GLU C 31 32.85 0.65 13.18
N GLN C 32 31.56 0.88 13.47
CA GLN C 32 30.96 2.19 13.70
C GLN C 32 30.93 2.61 15.19
N GLY C 33 31.70 1.90 16.03
CA GLY C 33 31.90 2.26 17.44
C GLY C 33 30.89 1.77 18.47
N ALA C 34 29.96 0.90 18.06
CA ALA C 34 28.96 0.38 19.00
C ALA C 34 29.58 -0.68 19.92
N GLN C 35 29.07 -0.73 21.17
CA GLN C 35 29.44 -1.73 22.16
C GLN C 35 28.30 -2.73 22.14
N LEU C 36 28.59 -3.98 21.77
CA LEU C 36 27.52 -4.96 21.62
C LEU C 36 27.32 -5.95 22.74
N VAL C 37 26.08 -6.47 22.81
CA VAL C 37 25.68 -7.63 23.60
C VAL C 37 25.02 -8.55 22.56
N LEU C 38 25.48 -9.78 22.46
CA LEU C 38 24.96 -10.71 21.47
C LEU C 38 24.08 -11.76 22.12
N THR C 39 23.06 -12.23 21.40
CA THR C 39 22.23 -13.34 21.91
C THR C 39 22.24 -14.45 20.88
N GLY C 40 22.37 -15.67 21.37
CA GLY C 40 22.40 -16.85 20.54
C GLY C 40 21.42 -17.91 21.00
N PHE C 41 20.93 -18.70 20.04
CA PHE C 41 19.98 -19.76 20.29
C PHE C 41 20.58 -21.15 20.07
N ASP C 42 20.42 -21.99 21.11
CA ASP C 42 20.71 -23.42 21.16
C ASP C 42 22.19 -23.80 21.02
N ARG C 43 22.82 -23.50 19.88
CA ARG C 43 24.19 -23.93 19.56
C ARG C 43 25.21 -22.89 20.04
N LEU C 44 25.21 -22.63 21.34
CA LEU C 44 26.01 -21.57 21.97
C LEU C 44 27.52 -21.75 21.82
N ARG C 45 28.04 -22.99 21.95
CA ARG C 45 29.49 -23.18 21.76
C ARG C 45 29.90 -22.83 20.32
N LEU C 46 29.11 -23.29 19.35
CA LEU C 46 29.32 -23.00 17.94
C LEU C 46 29.21 -21.48 17.64
N ILE C 47 28.16 -20.80 18.16
CA ILE C 47 27.99 -19.36 17.99
C ILE C 47 29.21 -18.60 18.54
N GLN C 48 29.73 -19.03 19.71
CA GLN C 48 30.92 -18.37 20.27
C GLN C 48 32.13 -18.45 19.33
N ARG C 49 32.29 -19.58 18.62
CA ARG C 49 33.38 -19.75 17.64
C ARG C 49 33.20 -18.80 16.49
N ILE C 50 31.94 -18.57 16.05
CA ILE C 50 31.63 -17.64 14.97
C ILE C 50 31.88 -16.20 15.41
N THR C 51 31.31 -15.81 16.56
CA THR C 51 31.38 -14.43 17.10
C THR C 51 32.81 -14.01 17.42
N ASP C 52 33.75 -14.98 17.62
CA ASP C 52 35.18 -14.72 17.79
C ASP C 52 35.76 -14.04 16.53
N ARG C 53 35.12 -14.24 15.34
CA ARG C 53 35.49 -13.66 14.05
C ARG C 53 35.09 -12.18 13.95
N LEU C 54 34.28 -11.65 14.90
CA LEU C 54 33.90 -10.23 14.85
C LEU C 54 35.09 -9.35 15.23
N PRO C 55 35.13 -8.08 14.80
CA PRO C 55 36.30 -7.23 15.12
C PRO C 55 36.54 -6.93 16.60
N ALA C 56 35.52 -7.01 17.44
CA ALA C 56 35.66 -6.75 18.87
C ALA C 56 34.94 -7.81 19.71
N LYS C 57 35.43 -8.02 20.94
CA LYS C 57 34.81 -8.97 21.86
C LYS C 57 33.45 -8.43 22.30
N ALA C 58 32.49 -9.32 22.48
CA ALA C 58 31.15 -8.95 22.92
C ALA C 58 30.58 -10.10 23.74
N PRO C 59 29.91 -9.82 24.87
CA PRO C 59 29.33 -10.93 25.65
C PRO C 59 28.20 -11.62 24.86
N LEU C 60 28.12 -12.95 24.97
CA LEU C 60 27.11 -13.75 24.29
C LEU C 60 26.17 -14.33 25.33
N LEU C 61 24.88 -14.01 25.20
CA LEU C 61 23.86 -14.49 26.13
C LEU C 61 22.94 -15.47 25.41
N GLU C 62 22.46 -16.47 26.13
CA GLU C 62 21.55 -17.43 25.55
C GLU C 62 20.13 -16.86 25.53
N LEU C 63 19.46 -16.99 24.38
CA LEU C 63 18.08 -16.57 24.24
C LEU C 63 17.30 -17.42 23.26
N ASP C 64 16.41 -18.26 23.79
CA ASP C 64 15.47 -19.01 22.97
C ASP C 64 14.19 -18.21 23.14
N VAL C 65 13.70 -17.55 22.04
CA VAL C 65 12.51 -16.71 22.18
C VAL C 65 11.23 -17.47 22.56
N GLN C 66 11.21 -18.80 22.45
CA GLN C 66 10.04 -19.61 22.84
C GLN C 66 10.09 -19.96 24.33
N ASN C 67 11.22 -19.66 24.97
CA ASN C 67 11.47 -19.95 26.39
C ASN C 67 11.14 -18.74 27.25
N GLU C 68 10.00 -18.82 27.97
CA GLU C 68 9.51 -17.73 28.84
C GLU C 68 10.50 -17.39 29.95
N GLU C 69 11.23 -18.39 30.49
CA GLU C 69 12.24 -18.17 31.54
C GLU C 69 13.41 -17.34 30.97
N HIS C 70 13.82 -17.61 29.73
CA HIS C 70 14.90 -16.84 29.06
C HIS C 70 14.49 -15.39 28.91
N LEU C 71 13.23 -15.17 28.48
CA LEU C 71 12.70 -13.82 28.30
C LEU C 71 12.57 -13.08 29.63
N ALA C 72 12.11 -13.78 30.67
CA ALA C 72 11.95 -13.19 32.01
C ALA C 72 13.29 -12.74 32.63
N SER C 73 14.40 -13.46 32.35
CA SER C 73 15.72 -13.14 32.90
C SER C 73 16.56 -12.26 31.98
N LEU C 74 16.12 -12.07 30.73
CA LEU C 74 16.90 -11.34 29.72
C LEU C 74 17.40 -9.96 30.16
N ALA C 75 16.50 -9.07 30.61
CA ALA C 75 16.90 -7.71 31.02
C ALA C 75 17.99 -7.73 32.10
N GLY C 76 17.81 -8.60 33.10
CA GLY C 76 18.78 -8.75 34.18
C GLY C 76 20.13 -9.21 33.68
N ARG C 77 20.12 -10.20 32.76
CA ARG C 77 21.36 -10.75 32.18
C ARG C 77 22.06 -9.71 31.32
N VAL C 78 21.29 -8.89 30.58
CA VAL C 78 21.88 -7.82 29.77
C VAL C 78 22.50 -6.76 30.69
N THR C 79 21.77 -6.36 31.77
CA THR C 79 22.27 -5.36 32.74
C THR C 79 23.58 -5.82 33.37
N GLU C 80 23.70 -7.13 33.69
CA GLU C 80 24.94 -7.67 34.25
C GLU C 80 26.08 -7.53 33.24
N ALA C 81 25.79 -7.79 31.95
CA ALA C 81 26.75 -7.71 30.85
C ALA C 81 27.21 -6.26 30.58
N ILE C 82 26.30 -5.27 30.63
CA ILE C 82 26.67 -3.88 30.30
C ILE C 82 26.99 -3.01 31.53
N GLY C 83 26.68 -3.50 32.71
CA GLY C 83 26.94 -2.80 33.97
C GLY C 83 25.71 -2.10 34.50
N ALA C 84 25.52 -2.19 35.83
CA ALA C 84 24.40 -1.53 36.52
C ALA C 84 24.49 -0.02 36.27
N GLY C 85 23.34 0.58 36.00
CA GLY C 85 23.26 2.00 35.70
C GLY C 85 23.32 2.31 34.22
N ASN C 86 23.70 1.30 33.39
CA ASN C 86 23.76 1.46 31.94
C ASN C 86 22.55 0.81 31.29
N LYS C 87 22.11 1.36 30.19
CA LYS C 87 20.96 0.87 29.43
C LYS C 87 21.34 0.70 27.95
N LEU C 88 20.51 -0.03 27.21
CA LEU C 88 20.71 -0.24 25.80
C LEU C 88 20.20 0.94 24.99
N ASP C 89 20.87 1.23 23.88
CA ASP C 89 20.46 2.25 22.92
C ASP C 89 19.82 1.60 21.70
N GLY C 90 20.11 0.32 21.47
CA GLY C 90 19.56 -0.40 20.33
C GLY C 90 19.33 -1.87 20.57
N VAL C 91 18.38 -2.44 19.82
CA VAL C 91 18.03 -3.85 19.87
C VAL C 91 17.81 -4.27 18.43
N VAL C 92 18.44 -5.37 18.02
CA VAL C 92 18.27 -5.92 16.69
C VAL C 92 17.68 -7.31 16.80
N HIS C 93 16.50 -7.49 16.20
CA HIS C 93 15.82 -8.77 16.10
C HIS C 93 16.15 -9.30 14.70
N SER C 94 16.97 -10.38 14.60
CA SER C 94 17.29 -10.94 13.30
C SER C 94 17.06 -12.46 13.41
N ILE C 95 15.84 -12.79 13.84
CA ILE C 95 15.39 -14.14 14.15
C ILE C 95 14.23 -14.54 13.26
N GLY C 96 14.33 -15.73 12.68
CA GLY C 96 13.26 -16.25 11.86
C GLY C 96 13.35 -17.75 11.78
N PHE C 97 12.19 -18.40 11.69
CA PHE C 97 12.13 -19.85 11.55
C PHE C 97 10.78 -20.24 11.06
N MET C 98 10.77 -21.16 10.09
CA MET C 98 9.53 -21.78 9.65
C MET C 98 9.89 -23.24 9.29
N PRO C 99 9.24 -24.26 9.89
CA PRO C 99 9.56 -25.65 9.49
C PRO C 99 9.36 -25.87 8.00
N GLN C 100 10.09 -26.86 7.43
CA GLN C 100 10.06 -27.19 6.00
C GLN C 100 8.65 -27.48 5.47
N THR C 101 7.72 -27.89 6.35
CA THR C 101 6.32 -28.13 5.97
C THR C 101 5.62 -26.82 5.57
N GLY C 102 6.10 -25.69 6.13
CA GLY C 102 5.51 -24.37 5.89
C GLY C 102 6.28 -23.52 4.89
N MET C 103 7.43 -24.04 4.41
CA MET C 103 8.30 -23.36 3.43
C MET C 103 8.65 -24.34 2.30
N GLY C 104 9.67 -24.03 1.53
CA GLY C 104 10.17 -24.88 0.44
C GLY C 104 9.12 -25.31 -0.57
N ASN C 106 6.98 -28.03 -0.09
CA ASN C 106 5.80 -28.78 0.37
C ASN C 106 4.53 -27.92 0.13
N PRO C 107 3.36 -28.50 -0.26
CA PRO C 107 2.21 -27.66 -0.59
C PRO C 107 1.76 -26.79 0.58
N PHE C 108 1.39 -25.54 0.27
CA PHE C 108 0.88 -24.57 1.23
C PHE C 108 -0.23 -25.19 2.15
N PHE C 109 -1.10 -26.00 1.55
CA PHE C 109 -2.22 -26.61 2.28
C PHE C 109 -1.80 -27.76 3.21
N ASP C 110 -0.58 -28.27 3.03
CA ASP C 110 -0.15 -29.43 3.82
C ASP C 110 0.64 -29.09 5.08
N ALA C 111 0.81 -27.79 5.40
CA ALA C 111 1.51 -27.41 6.61
C ALA C 111 0.57 -27.55 7.81
N PRO C 112 0.90 -28.43 8.78
CA PRO C 112 0.03 -28.56 9.98
C PRO C 112 0.13 -27.32 10.86
N TYR C 113 -0.96 -26.99 11.57
CA TYR C 113 -0.92 -25.75 12.37
C TYR C 113 0.18 -25.72 13.45
N ALA C 114 0.52 -26.86 14.10
CA ALA C 114 1.60 -26.84 15.09
C ALA C 114 2.90 -26.29 14.48
N ASP C 115 3.17 -26.62 13.20
CA ASP C 115 4.37 -26.11 12.54
C ASP C 115 4.26 -24.61 12.23
N VAL C 116 3.11 -24.18 11.67
CA VAL C 116 2.86 -22.77 11.35
C VAL C 116 2.95 -21.91 12.63
N SER C 117 2.30 -22.39 13.70
CA SER C 117 2.28 -21.74 15.02
C SER C 117 3.69 -21.54 15.54
N LYS C 118 4.55 -22.58 15.44
CA LYS C 118 5.93 -22.45 15.92
C LYS C 118 6.66 -21.38 15.11
N GLY C 119 6.46 -21.41 13.80
CA GLY C 119 7.08 -20.44 12.90
C GLY C 119 6.63 -19.01 13.18
N ILE C 120 5.32 -18.81 13.44
CA ILE C 120 4.80 -17.47 13.78
C ILE C 120 5.33 -17.01 15.13
N HIS C 121 5.46 -17.95 16.10
CA HIS C 121 5.95 -17.63 17.44
C HIS C 121 7.37 -17.02 17.32
N ILE C 122 8.26 -17.74 16.65
CA ILE C 122 9.64 -17.32 16.51
C ILE C 122 9.82 -16.12 15.60
N SER C 123 9.08 -16.10 14.47
CA SER C 123 9.29 -15.08 13.45
C SER C 123 8.55 -13.77 13.65
N ALA C 124 7.40 -13.78 14.37
CA ALA C 124 6.59 -12.58 14.54
C ALA C 124 6.32 -12.22 15.99
N TYR C 125 5.70 -13.14 16.73
CA TYR C 125 5.37 -12.85 18.13
C TYR C 125 6.61 -12.47 18.95
N SER C 126 7.76 -13.11 18.68
CA SER C 126 8.99 -12.82 19.42
C SER C 126 9.50 -11.39 19.29
N TYR C 127 9.09 -10.67 18.24
CA TYR C 127 9.48 -9.28 18.11
C TYR C 127 8.81 -8.48 19.27
N ALA C 128 7.53 -8.78 19.59
CA ALA C 128 6.85 -8.20 20.74
C ALA C 128 7.51 -8.70 22.04
N SER C 129 7.84 -10.01 22.15
CA SER C 129 8.48 -10.57 23.35
C SER C 129 9.77 -9.86 23.69
N MET C 130 10.62 -9.66 22.70
CA MET C 130 11.92 -9.03 22.89
C MET C 130 11.74 -7.56 23.29
N ALA C 131 10.78 -6.84 22.65
CA ALA C 131 10.52 -5.46 23.01
C ALA C 131 9.97 -5.36 24.44
N LYS C 132 9.10 -6.28 24.86
CA LYS C 132 8.54 -6.28 26.20
C LYS C 132 9.67 -6.46 27.22
N ALA C 133 10.57 -7.40 26.96
CA ALA C 133 11.68 -7.70 27.86
C ALA C 133 12.72 -6.58 27.92
N LEU C 134 13.00 -5.90 26.78
CA LEU C 134 14.11 -4.94 26.71
C LEU C 134 13.74 -3.47 26.81
N LEU C 135 12.50 -3.08 26.48
CA LEU C 135 12.12 -1.67 26.64
C LEU C 135 12.41 -1.09 28.03
N PRO C 136 12.16 -1.84 29.15
CA PRO C 136 12.50 -1.32 30.49
C PRO C 136 13.98 -0.99 30.71
N ILE C 137 14.87 -1.50 29.82
CA ILE C 137 16.30 -1.24 29.93
C ILE C 137 16.83 -0.50 28.68
N MET C 138 15.96 0.30 28.02
CA MET C 138 16.38 1.09 26.87
C MET C 138 16.35 2.57 27.15
N ASN C 139 17.34 3.28 26.63
CA ASN C 139 17.42 4.74 26.77
C ASN C 139 16.49 5.47 25.80
N PRO C 140 16.03 6.69 26.19
CA PRO C 140 15.29 7.54 25.23
C PRO C 140 16.17 7.80 24.01
N GLY C 141 15.55 7.84 22.83
CA GLY C 141 16.23 8.00 21.55
C GLY C 141 16.70 6.66 21.01
N GLY C 142 16.37 5.59 21.73
CA GLY C 142 16.73 4.23 21.37
C GLY C 142 16.00 3.72 20.15
N SER C 143 16.43 2.57 19.68
CA SER C 143 15.91 2.03 18.43
C SER C 143 15.83 0.52 18.45
N ILE C 144 14.67 -0.03 18.06
CA ILE C 144 14.45 -1.46 17.93
C ILE C 144 14.30 -1.71 16.43
N VAL C 145 15.05 -2.67 15.89
CA VAL C 145 15.02 -2.96 14.44
C VAL C 145 14.82 -4.44 14.25
N GLY C 146 13.90 -4.83 13.39
CA GLY C 146 13.69 -6.23 13.06
C GLY C 146 13.91 -6.49 11.56
N MET C 147 14.23 -7.72 11.19
CA MET C 147 14.42 -8.11 9.78
C MET C 147 13.15 -8.67 9.20
N ASP C 148 12.82 -8.21 8.01
CA ASP C 148 11.59 -8.55 7.32
C ASP C 148 11.88 -8.77 5.84
N PHE C 149 10.87 -9.19 5.11
CA PHE C 149 10.88 -9.16 3.67
C PHE C 149 9.47 -8.78 3.25
N ASP C 150 9.34 -8.13 2.12
CA ASP C 150 8.05 -7.62 1.67
C ASP C 150 7.04 -8.78 1.45
N PRO C 151 5.98 -8.87 2.28
CA PRO C 151 5.01 -9.96 2.14
C PRO C 151 3.65 -9.47 1.56
N SER C 152 3.64 -8.25 0.97
CA SER C 152 2.42 -7.63 0.45
C SER C 152 1.83 -8.38 -0.75
N ARG C 153 2.65 -9.20 -1.43
CA ARG C 153 2.20 -10.01 -2.57
C ARG C 153 2.64 -11.45 -2.32
N ALA C 154 1.82 -12.45 -2.73
CA ALA C 154 2.22 -13.84 -2.51
C ALA C 154 3.29 -14.24 -3.54
N MET C 155 3.96 -15.34 -3.29
CA MET C 155 5.11 -15.77 -4.08
C MET C 155 5.24 -17.28 -3.95
N PRO C 156 5.96 -17.95 -4.85
CA PRO C 156 6.14 -19.41 -4.66
C PRO C 156 7.08 -19.67 -3.48
N ALA C 157 6.95 -20.88 -2.89
CA ALA C 157 7.80 -21.47 -1.86
C ALA C 157 7.81 -20.82 -0.46
N TYR C 158 7.89 -19.49 -0.34
CA TYR C 158 8.01 -18.90 1.00
C TYR C 158 6.76 -19.05 1.85
N ASN C 159 5.60 -19.29 1.21
CA ASN C 159 4.34 -19.68 1.81
C ASN C 159 4.03 -19.15 3.24
N TRP C 160 4.11 -20.03 4.26
CA TRP C 160 3.78 -19.62 5.63
C TRP C 160 4.81 -18.66 6.21
N MET C 161 6.09 -18.66 5.71
CA MET C 161 7.04 -17.66 6.21
C MET C 161 6.57 -16.25 5.72
N THR C 162 6.00 -16.16 4.50
CA THR C 162 5.44 -14.88 4.04
C THR C 162 4.29 -14.41 4.98
N VAL C 163 3.42 -15.35 5.35
CA VAL C 163 2.31 -15.09 6.29
C VAL C 163 2.89 -14.60 7.63
N ALA C 164 4.00 -15.25 8.10
CA ALA C 164 4.62 -14.84 9.37
C ALA C 164 5.18 -13.42 9.24
N LYS C 165 5.75 -13.05 8.05
CA LYS C 165 6.23 -11.67 7.88
C LYS C 165 5.08 -10.64 7.85
N SER C 166 3.93 -10.99 7.27
CA SER C 166 2.77 -10.12 7.27
C SER C 166 2.35 -9.87 8.74
N ALA C 167 2.37 -10.93 9.59
CA ALA C 167 2.05 -10.79 10.99
C ALA C 167 3.12 -9.92 11.69
N LEU C 168 4.42 -10.12 11.37
CA LEU C 168 5.52 -9.34 11.95
C LEU C 168 5.35 -7.84 11.64
N GLU C 169 5.00 -7.49 10.38
CA GLU C 169 4.81 -6.07 10.06
C GLU C 169 3.70 -5.46 10.94
N SER C 170 2.62 -6.21 11.18
CA SER C 170 1.52 -5.74 12.04
C SER C 170 2.01 -5.62 13.51
N VAL C 171 2.77 -6.60 13.99
CA VAL C 171 3.31 -6.58 15.35
C VAL C 171 4.19 -5.33 15.50
N ASN C 172 5.02 -5.05 14.49
CA ASN C 172 5.91 -3.90 14.53
C ASN C 172 5.15 -2.60 14.78
N ARG C 173 3.96 -2.43 14.14
CA ARG C 173 3.16 -1.22 14.31
C ARG C 173 2.63 -1.07 15.75
N PHE C 174 2.28 -2.19 16.38
CA PHE C 174 1.87 -2.18 17.80
C PHE C 174 3.04 -1.96 18.75
N VAL C 175 4.18 -2.59 18.47
CA VAL C 175 5.40 -2.39 19.25
C VAL C 175 5.76 -0.88 19.26
N ALA C 176 5.63 -0.21 18.11
CA ALA C 176 5.92 1.23 18.03
C ALA C 176 5.08 2.05 19.03
N ARG C 177 3.80 1.68 19.22
CA ARG C 177 2.92 2.37 20.18
C ARG C 177 3.52 2.21 21.60
N GLU C 178 3.94 0.98 21.97
CA GLU C 178 4.54 0.75 23.29
C GLU C 178 5.91 1.42 23.43
N ALA C 179 6.76 1.29 22.41
CA ALA C 179 8.12 1.84 22.44
C ALA C 179 8.14 3.36 22.55
N GLY C 180 7.15 4.03 21.94
CA GLY C 180 7.02 5.49 21.98
C GLY C 180 6.95 6.06 23.38
N LYS C 181 6.34 5.30 24.30
CA LYS C 181 6.22 5.65 25.73
C LYS C 181 7.59 5.83 26.38
N TYR C 182 8.61 5.12 25.86
CA TYR C 182 10.01 5.15 26.34
C TYR C 182 10.91 6.08 25.50
N GLY C 183 10.32 6.70 24.47
CA GLY C 183 11.05 7.55 23.54
C GLY C 183 11.90 6.71 22.61
N VAL C 184 11.45 5.47 22.36
CA VAL C 184 12.15 4.50 21.52
C VAL C 184 11.37 4.28 20.20
N ARG C 185 12.10 4.13 19.10
CA ARG C 185 11.55 3.84 17.78
C ARG C 185 11.56 2.33 17.53
N SER C 186 10.60 1.85 16.71
CA SER C 186 10.52 0.44 16.32
C SER C 186 10.33 0.39 14.81
N ASN C 187 11.24 -0.28 14.07
CA ASN C 187 11.11 -0.33 12.60
C ASN C 187 11.61 -1.65 12.10
N LEU C 188 11.22 -2.00 10.86
CA LEU C 188 11.71 -3.21 10.25
C LEU C 188 12.52 -2.84 9.02
N VAL C 189 13.48 -3.68 8.68
CA VAL C 189 14.22 -3.53 7.42
C VAL C 189 13.75 -4.68 6.53
N ALA C 190 13.16 -4.38 5.38
CA ALA C 190 12.69 -5.38 4.43
C ALA C 190 13.85 -5.56 3.45
N ALA C 191 14.50 -6.69 3.52
CA ALA C 191 15.64 -6.92 2.64
C ALA C 191 15.30 -7.74 1.41
N GLY C 192 16.15 -7.58 0.39
CA GLY C 192 16.15 -8.44 -0.77
C GLY C 192 16.72 -9.81 -0.36
N PRO C 193 16.70 -10.79 -1.28
CA PRO C 193 17.24 -12.14 -0.95
C PRO C 193 18.76 -12.15 -0.82
N ILE C 194 19.24 -12.73 0.29
CA ILE C 194 20.66 -12.85 0.61
C ILE C 194 20.95 -14.34 0.83
N ARG C 195 22.03 -14.83 0.21
CA ARG C 195 22.46 -16.22 0.38
C ARG C 195 23.09 -16.40 1.78
N THR C 196 22.28 -16.79 2.79
CA THR C 196 22.72 -16.97 4.19
C THR C 196 22.79 -18.43 4.62
N LEU C 197 22.25 -19.35 3.79
CA LEU C 197 22.16 -20.82 3.94
C LEU C 197 20.95 -21.24 4.75
N GLU C 210 9.08 -27.78 -6.13
CA GLU C 210 10.31 -27.32 -6.78
C GLU C 210 10.76 -25.94 -6.22
N ALA C 211 11.11 -25.93 -4.92
CA ALA C 211 11.57 -24.76 -4.15
C ALA C 211 12.79 -24.12 -4.77
N GLY C 212 13.73 -24.94 -5.25
CA GLY C 212 14.97 -24.51 -5.89
C GLY C 212 14.76 -23.62 -7.10
N ALA C 213 13.88 -24.03 -8.03
CA ALA C 213 13.55 -23.29 -9.25
C ALA C 213 12.80 -21.97 -8.95
N GLN C 214 12.05 -21.96 -7.83
CA GLN C 214 11.28 -20.82 -7.35
C GLN C 214 12.22 -19.75 -6.80
N ILE C 215 13.13 -20.16 -5.88
CA ILE C 215 14.12 -19.27 -5.29
C ILE C 215 15.01 -18.67 -6.36
N GLN C 216 15.49 -19.50 -7.34
CA GLN C 216 16.32 -19.06 -8.46
C GLN C 216 15.60 -17.97 -9.28
N LEU C 217 14.32 -18.21 -9.63
CA LEU C 217 13.49 -17.27 -10.39
C LEU C 217 13.21 -15.98 -9.58
N LEU C 218 13.04 -16.10 -8.25
CA LEU C 218 12.83 -14.95 -7.37
C LEU C 218 14.06 -14.03 -7.38
N GLU C 219 15.23 -14.60 -7.05
CA GLU C 219 16.51 -13.90 -7.00
C GLU C 219 16.93 -13.31 -8.35
N GLU C 220 16.69 -14.03 -9.46
CA GLU C 220 17.01 -13.52 -10.79
C GLU C 220 16.18 -12.26 -11.10
N GLY C 221 14.86 -12.35 -10.91
CA GLY C 221 13.94 -11.23 -11.09
C GLY C 221 14.27 -10.03 -10.21
N TRP C 222 14.93 -10.28 -9.06
CA TRP C 222 15.36 -9.26 -8.10
C TRP C 222 16.36 -8.25 -8.66
N ASP C 223 17.58 -8.71 -8.99
CA ASP C 223 18.63 -7.86 -9.56
C ASP C 223 18.14 -7.13 -10.85
N GLN C 224 17.32 -7.81 -11.68
CA GLN C 224 16.71 -7.26 -12.88
C GLN C 224 15.70 -6.12 -12.53
N ARG C 225 14.85 -6.33 -11.51
CA ARG C 225 13.85 -5.32 -11.11
C ARG C 225 14.45 -4.19 -10.33
N ALA C 226 15.59 -4.42 -9.64
CA ALA C 226 16.23 -3.40 -8.81
C ALA C 226 16.92 -2.31 -9.65
N PRO C 227 16.47 -1.03 -9.62
CA PRO C 227 17.16 0.00 -10.45
C PRO C 227 18.64 0.20 -10.17
N ILE C 228 19.08 -0.06 -8.92
CA ILE C 228 20.50 0.07 -8.56
C ILE C 228 21.20 -1.30 -8.46
N GLY C 229 20.50 -2.32 -8.90
CA GLY C 229 21.01 -3.68 -8.87
C GLY C 229 20.89 -4.31 -7.50
N TRP C 230 21.12 -5.62 -7.45
CA TRP C 230 21.03 -6.36 -6.18
C TRP C 230 22.05 -7.49 -6.19
N ASN C 231 22.95 -7.52 -5.19
CA ASN C 231 23.95 -8.57 -5.07
C ASN C 231 23.53 -9.49 -3.90
N MET C 232 22.98 -10.65 -4.24
CA MET C 232 22.51 -11.64 -3.25
C MET C 232 23.63 -12.23 -2.38
N LYS C 233 24.88 -12.09 -2.78
CA LYS C 233 25.97 -12.64 -1.97
C LYS C 233 26.48 -11.60 -0.93
N ASP C 234 25.97 -10.36 -0.97
CA ASP C 234 26.47 -9.27 -0.12
C ASP C 234 25.45 -8.73 0.90
N ALA C 235 25.63 -9.05 2.18
CA ALA C 235 24.70 -8.56 3.22
C ALA C 235 25.04 -7.13 3.71
N THR C 236 26.23 -6.58 3.33
CA THR C 236 26.67 -5.27 3.81
C THR C 236 25.62 -4.15 3.59
N PRO C 237 24.96 -4.01 2.39
CA PRO C 237 23.99 -2.91 2.24
C PRO C 237 22.82 -2.99 3.23
N VAL C 238 22.42 -4.22 3.61
CA VAL C 238 21.37 -4.48 4.57
C VAL C 238 21.86 -4.11 5.97
N ALA C 239 23.09 -4.57 6.33
CA ALA C 239 23.70 -4.24 7.64
C ALA C 239 23.82 -2.71 7.81
N LYS C 240 24.24 -2.00 6.76
CA LYS C 240 24.37 -0.52 6.80
C LYS C 240 23.01 0.13 7.06
N THR C 241 21.93 -0.40 6.40
CA THR C 241 20.57 0.14 6.57
C THR C 241 20.09 -0.04 8.03
N VAL C 242 20.36 -1.21 8.60
CA VAL C 242 20.01 -1.46 10.01
C VAL C 242 20.77 -0.45 10.88
N CYS C 243 22.07 -0.26 10.62
CA CYS C 243 22.83 0.72 11.40
C CYS C 243 22.30 2.16 11.24
N ALA C 244 21.80 2.53 10.02
CA ALA C 244 21.17 3.85 9.83
C ALA C 244 19.97 3.98 10.82
N LEU C 245 19.16 2.92 10.97
CA LEU C 245 18.01 2.98 11.87
C LEU C 245 18.42 2.97 13.33
N LEU C 246 19.56 2.35 13.65
CA LEU C 246 20.07 2.35 15.03
C LEU C 246 20.66 3.70 15.42
N SER C 247 21.08 4.50 14.42
CA SER C 247 21.70 5.79 14.61
C SER C 247 20.67 6.88 15.01
N ASP C 248 21.14 8.10 15.16
CA ASP C 248 20.29 9.24 15.50
C ASP C 248 19.76 9.93 14.21
N TRP C 249 20.01 9.35 13.03
CA TRP C 249 19.73 10.02 11.76
C TRP C 249 18.34 9.79 11.13
N LEU C 250 17.50 8.91 11.72
CA LEU C 250 16.11 8.71 11.28
C LEU C 250 15.23 8.85 12.56
N PRO C 251 15.25 10.05 13.18
CA PRO C 251 14.65 10.21 14.51
C PRO C 251 13.14 10.32 14.56
N ALA C 252 12.51 10.47 13.40
CA ALA C 252 11.07 10.64 13.35
C ALA C 252 10.40 9.50 12.55
N THR C 253 11.05 8.33 12.48
CA THR C 253 10.53 7.19 11.76
C THR C 253 10.25 6.10 12.78
N THR C 254 8.99 5.63 12.86
CA THR C 254 8.64 4.53 13.77
C THR C 254 7.41 3.79 13.26
N GLY C 255 7.29 2.53 13.65
CA GLY C 255 6.23 1.62 13.24
C GLY C 255 6.33 1.32 11.77
N ASP C 256 7.50 1.61 11.17
CA ASP C 256 7.71 1.62 9.74
C ASP C 256 8.59 0.53 9.20
N ILE C 257 8.69 0.52 7.85
CA ILE C 257 9.48 -0.45 7.11
C ILE C 257 10.37 0.30 6.15
N ILE C 258 11.67 0.05 6.24
CA ILE C 258 12.69 0.60 5.33
C ILE C 258 13.07 -0.54 4.40
N TYR C 259 13.02 -0.29 3.09
CA TYR C 259 13.31 -1.36 2.12
C TYR C 259 14.76 -1.28 1.66
N ALA C 260 15.54 -2.32 2.00
CA ALA C 260 16.94 -2.40 1.57
C ALA C 260 16.92 -3.55 0.58
N ASP C 261 16.36 -3.29 -0.61
CA ASP C 261 16.13 -4.34 -1.60
C ASP C 261 16.54 -3.92 -3.03
N GLY C 262 17.32 -2.86 -3.13
CA GLY C 262 17.78 -2.30 -4.41
C GLY C 262 16.69 -1.55 -5.16
N GLY C 263 15.57 -1.27 -4.48
CA GLY C 263 14.40 -0.62 -5.07
C GLY C 263 13.50 -1.59 -5.84
N ALA C 264 13.73 -2.88 -5.76
CA ALA C 264 12.95 -3.86 -6.50
C ALA C 264 11.44 -3.80 -6.21
N HIS C 265 11.04 -3.54 -4.96
CA HIS C 265 9.60 -3.51 -4.67
C HIS C 265 8.85 -2.32 -5.34
N THR C 266 9.60 -1.38 -5.91
CA THR C 266 9.03 -0.18 -6.52
C THR C 266 8.85 -0.31 -8.03
N GLN C 267 9.21 -1.48 -8.59
CA GLN C 267 9.24 -1.73 -10.03
C GLN C 267 8.48 -3.01 -10.34
N LEU C 268 7.62 -2.93 -11.37
CA LEU C 268 6.80 -4.09 -11.75
C LEU C 268 7.65 -5.02 -12.57
N LEU C 269 8.42 -4.46 -13.52
CA LEU C 269 9.38 -5.18 -14.37
C LEU C 269 10.46 -4.18 -14.84
N GLY D 3 -32.33 -7.71 -15.16
CA GLY D 3 -30.95 -7.31 -15.30
C GLY D 3 -30.37 -6.61 -14.08
N LEU D 4 -29.06 -6.69 -13.95
CA LEU D 4 -28.31 -6.06 -12.86
C LEU D 4 -28.54 -4.54 -12.78
N LEU D 5 -28.73 -3.89 -13.94
CA LEU D 5 -28.89 -2.44 -13.96
C LEU D 5 -30.26 -1.99 -14.47
N ASP D 6 -31.30 -2.83 -14.26
CA ASP D 6 -32.66 -2.56 -14.71
C ASP D 6 -33.15 -1.19 -14.28
N GLY D 7 -33.57 -0.38 -15.25
CA GLY D 7 -34.10 0.95 -15.01
C GLY D 7 -33.10 2.04 -14.71
N LYS D 8 -31.79 1.72 -14.69
CA LYS D 8 -30.76 2.72 -14.38
C LYS D 8 -30.41 3.55 -15.62
N ARG D 9 -30.24 4.87 -15.43
CA ARG D 9 -29.83 5.77 -16.49
C ARG D 9 -28.34 6.03 -16.30
N ILE D 10 -27.54 5.63 -17.28
CA ILE D 10 -26.08 5.69 -17.12
C ILE D 10 -25.43 6.39 -18.30
N LEU D 11 -24.52 7.32 -17.99
CA LEU D 11 -23.75 7.99 -19.02
C LEU D 11 -22.44 7.23 -19.20
N VAL D 12 -22.06 6.97 -20.46
CA VAL D 12 -20.81 6.24 -20.72
C VAL D 12 -19.99 7.06 -21.70
N SER D 13 -18.80 7.48 -21.27
CA SER D 13 -17.89 8.24 -22.13
C SER D 13 -16.80 7.28 -22.60
N GLY D 14 -16.05 7.68 -23.63
CA GLY D 14 -14.87 6.94 -24.02
C GLY D 14 -14.96 5.91 -25.13
N ILE D 15 -16.09 5.87 -25.85
CA ILE D 15 -16.15 4.97 -27.00
C ILE D 15 -15.48 5.67 -28.18
N ILE D 16 -14.51 5.01 -28.81
CA ILE D 16 -13.92 5.48 -30.06
C ILE D 16 -13.99 4.36 -31.12
N THR D 17 -13.75 3.11 -30.68
CA THR D 17 -13.86 1.93 -31.58
C THR D 17 -14.68 0.86 -30.86
N ASP D 18 -15.01 -0.23 -31.57
CA ASP D 18 -15.70 -1.34 -30.93
C ASP D 18 -14.74 -2.19 -30.07
N SER D 19 -13.44 -1.80 -30.02
CA SER D 19 -12.48 -2.45 -29.15
C SER D 19 -12.28 -1.62 -27.86
N SER D 20 -12.81 -0.38 -27.83
CA SER D 20 -12.74 0.47 -26.61
C SER D 20 -13.33 -0.26 -25.43
N ILE D 21 -12.70 -0.10 -24.25
CA ILE D 21 -13.27 -0.70 -23.04
C ILE D 21 -14.69 -0.13 -22.84
N ALA D 22 -14.91 1.18 -23.12
CA ALA D 22 -16.22 1.78 -22.95
C ALA D 22 -17.28 1.13 -23.85
N PHE D 23 -16.89 0.62 -25.04
CA PHE D 23 -17.85 -0.06 -25.91
C PHE D 23 -18.38 -1.33 -25.17
N HIS D 24 -17.47 -2.10 -24.59
CA HIS D 24 -17.82 -3.30 -23.82
C HIS D 24 -18.59 -2.98 -22.56
N ILE D 25 -18.25 -1.88 -21.88
CA ILE D 25 -18.99 -1.48 -20.69
C ILE D 25 -20.42 -1.11 -21.11
N ALA D 26 -20.57 -0.33 -22.20
CA ALA D 26 -21.89 0.05 -22.71
C ALA D 26 -22.73 -1.18 -23.09
N ARG D 27 -22.08 -2.14 -23.76
CA ARG D 27 -22.75 -3.37 -24.20
C ARG D 27 -23.27 -4.17 -22.99
N VAL D 28 -22.38 -4.44 -22.02
CA VAL D 28 -22.78 -5.20 -20.82
C VAL D 28 -23.89 -4.48 -20.06
N ALA D 29 -23.78 -3.14 -19.92
CA ALA D 29 -24.79 -2.34 -19.23
C ALA D 29 -26.16 -2.44 -19.91
N GLN D 30 -26.21 -2.32 -21.26
CA GLN D 30 -27.48 -2.48 -21.99
C GLN D 30 -28.07 -3.89 -21.85
N GLU D 31 -27.20 -4.94 -21.90
CA GLU D 31 -27.65 -6.34 -21.77
C GLU D 31 -28.27 -6.50 -20.38
N GLN D 32 -27.80 -5.70 -19.39
CA GLN D 32 -28.26 -5.71 -18.00
C GLN D 32 -29.39 -4.71 -17.72
N GLY D 33 -30.02 -4.18 -18.77
CA GLY D 33 -31.20 -3.34 -18.68
C GLY D 33 -31.01 -1.85 -18.46
N ALA D 34 -29.78 -1.35 -18.55
CA ALA D 34 -29.55 0.08 -18.36
C ALA D 34 -29.97 0.87 -19.61
N GLN D 35 -30.37 2.13 -19.39
CA GLN D 35 -30.72 3.08 -20.44
C GLN D 35 -29.52 4.05 -20.51
N LEU D 36 -28.82 4.05 -21.65
CA LEU D 36 -27.59 4.83 -21.75
C LEU D 36 -27.68 6.16 -22.45
N VAL D 37 -26.73 7.03 -22.11
CA VAL D 37 -26.40 8.28 -22.79
C VAL D 37 -24.93 8.13 -23.05
N LEU D 38 -24.51 8.29 -24.30
CA LEU D 38 -23.11 8.15 -24.64
C LEU D 38 -22.47 9.49 -24.94
N THR D 39 -21.19 9.63 -24.65
CA THR D 39 -20.44 10.84 -25.01
C THR D 39 -19.26 10.44 -25.83
N GLY D 40 -18.97 11.26 -26.82
CA GLY D 40 -17.86 11.00 -27.70
C GLY D 40 -17.05 12.24 -27.98
N PHE D 41 -15.81 12.02 -28.38
CA PHE D 41 -14.88 13.08 -28.66
C PHE D 41 -14.47 13.11 -30.13
N ASP D 42 -14.62 14.32 -30.72
CA ASP D 42 -14.17 14.70 -32.06
C ASP D 42 -14.84 13.96 -33.24
N ARG D 43 -14.56 12.66 -33.43
CA ARG D 43 -15.05 11.85 -34.55
C ARG D 43 -16.47 11.31 -34.32
N LEU D 44 -17.43 12.24 -34.14
CA LEU D 44 -18.84 11.92 -33.82
C LEU D 44 -19.53 11.09 -34.88
N ARG D 45 -19.25 11.35 -36.18
CA ARG D 45 -19.83 10.55 -37.25
C ARG D 45 -19.31 9.11 -37.16
N LEU D 46 -17.98 8.93 -36.92
CA LEU D 46 -17.35 7.62 -36.78
C LEU D 46 -17.91 6.89 -35.57
N ILE D 47 -18.02 7.62 -34.43
CA ILE D 47 -18.54 7.07 -33.17
C ILE D 47 -19.98 6.59 -33.33
N GLN D 48 -20.82 7.39 -34.02
CA GLN D 48 -22.21 7.05 -34.31
C GLN D 48 -22.32 5.67 -35.01
N ARG D 49 -21.42 5.38 -35.97
CA ARG D 49 -21.37 4.09 -36.70
C ARG D 49 -21.00 2.93 -35.74
N ILE D 50 -20.05 3.20 -34.80
CA ILE D 50 -19.63 2.23 -33.79
C ILE D 50 -20.80 1.93 -32.84
N THR D 51 -21.46 2.99 -32.31
CA THR D 51 -22.54 2.80 -31.34
C THR D 51 -23.77 2.09 -31.98
N ASP D 52 -23.84 2.02 -33.33
CA ASP D 52 -24.87 1.26 -34.08
C ASP D 52 -24.61 -0.25 -33.94
N ARG D 53 -23.43 -0.63 -33.40
CA ARG D 53 -23.04 -2.02 -33.15
C ARG D 53 -23.43 -2.46 -31.73
N LEU D 54 -23.92 -1.51 -30.91
CA LEU D 54 -24.39 -1.81 -29.55
C LEU D 54 -25.79 -2.47 -29.64
N PRO D 55 -26.21 -3.26 -28.65
CA PRO D 55 -27.53 -3.93 -28.75
C PRO D 55 -28.75 -2.99 -28.75
N ALA D 56 -28.61 -1.77 -28.20
CA ALA D 56 -29.73 -0.82 -28.19
C ALA D 56 -29.28 0.58 -28.59
N LYS D 57 -30.20 1.36 -29.16
CA LYS D 57 -29.95 2.75 -29.54
C LYS D 57 -29.75 3.59 -28.27
N ALA D 58 -28.84 4.55 -28.34
CA ALA D 58 -28.55 5.44 -27.23
C ALA D 58 -28.16 6.79 -27.80
N PRO D 59 -28.65 7.91 -27.21
CA PRO D 59 -28.22 9.24 -27.71
C PRO D 59 -26.73 9.46 -27.52
N LEU D 60 -26.10 10.10 -28.48
CA LEU D 60 -24.67 10.39 -28.44
C LEU D 60 -24.47 11.89 -28.35
N LEU D 61 -23.75 12.32 -27.33
CA LEU D 61 -23.47 13.74 -27.09
C LEU D 61 -22.00 14.02 -27.26
N GLU D 62 -21.66 15.19 -27.80
CA GLU D 62 -20.27 15.57 -27.96
C GLU D 62 -19.68 16.04 -26.63
N LEU D 63 -18.50 15.53 -26.30
CA LEU D 63 -17.80 15.94 -25.09
C LEU D 63 -16.30 15.86 -25.25
N ASP D 64 -15.66 17.03 -25.41
CA ASP D 64 -14.22 17.18 -25.36
C ASP D 64 -13.97 17.68 -23.95
N VAL D 65 -13.34 16.84 -23.10
CA VAL D 65 -13.11 17.21 -21.70
C VAL D 65 -12.18 18.42 -21.49
N GLN D 66 -11.42 18.81 -22.52
CA GLN D 66 -10.55 20.00 -22.45
C GLN D 66 -11.34 21.27 -22.79
N ASN D 67 -12.59 21.12 -23.21
CA ASN D 67 -13.44 22.21 -23.63
C ASN D 67 -14.41 22.58 -22.50
N GLU D 68 -14.16 23.72 -21.85
CA GLU D 68 -14.98 24.21 -20.75
C GLU D 68 -16.45 24.46 -21.12
N GLU D 69 -16.73 24.91 -22.35
CA GLU D 69 -18.09 25.15 -22.83
C GLU D 69 -18.85 23.81 -22.91
N HIS D 70 -18.17 22.76 -23.41
CA HIS D 70 -18.76 21.41 -23.46
C HIS D 70 -19.14 20.93 -22.06
N LEU D 71 -18.27 21.18 -21.05
CA LEU D 71 -18.53 20.77 -19.66
C LEU D 71 -19.65 21.58 -19.02
N ALA D 72 -19.69 22.90 -19.30
CA ALA D 72 -20.71 23.80 -18.77
C ALA D 72 -22.12 23.44 -19.27
N SER D 73 -22.25 22.96 -20.53
CA SER D 73 -23.54 22.61 -21.12
C SER D 73 -23.91 21.13 -20.95
N LEU D 74 -22.96 20.30 -20.49
CA LEU D 74 -23.16 18.85 -20.40
C LEU D 74 -24.42 18.43 -19.65
N ALA D 75 -24.61 18.89 -18.39
CA ALA D 75 -25.79 18.50 -17.59
C ALA D 75 -27.11 18.83 -18.33
N GLY D 76 -27.20 20.02 -18.93
CA GLY D 76 -28.37 20.44 -19.68
C GLY D 76 -28.63 19.55 -20.88
N ARG D 77 -27.55 19.17 -21.60
CA ARG D 77 -27.66 18.32 -22.79
C ARG D 77 -28.05 16.91 -22.39
N VAL D 78 -27.54 16.42 -21.24
CA VAL D 78 -27.91 15.09 -20.75
C VAL D 78 -29.39 15.10 -20.36
N THR D 79 -29.84 16.15 -19.64
CA THR D 79 -31.24 16.28 -19.21
C THR D 79 -32.18 16.28 -20.41
N GLU D 80 -31.80 16.95 -21.52
CA GLU D 80 -32.61 16.95 -22.74
C GLU D 80 -32.70 15.52 -23.31
N ALA D 81 -31.60 14.79 -23.29
CA ALA D 81 -31.51 13.41 -23.77
C ALA D 81 -32.33 12.42 -22.92
N ILE D 82 -32.33 12.55 -21.59
CA ILE D 82 -33.02 11.60 -20.71
C ILE D 82 -34.43 12.04 -20.29
N GLY D 83 -34.75 13.31 -20.54
CA GLY D 83 -36.05 13.85 -20.17
C GLY D 83 -36.00 14.66 -18.89
N ALA D 84 -36.71 15.80 -18.89
CA ALA D 84 -36.80 16.69 -17.73
C ALA D 84 -37.42 15.92 -16.57
N GLY D 85 -36.85 16.11 -15.39
CA GLY D 85 -37.32 15.41 -14.19
C GLY D 85 -36.60 14.10 -13.93
N ASN D 86 -35.82 13.61 -14.92
CA ASN D 86 -35.02 12.39 -14.77
C ASN D 86 -33.58 12.73 -14.49
N LYS D 87 -32.92 11.88 -13.71
CA LYS D 87 -31.51 12.04 -13.35
C LYS D 87 -30.73 10.77 -13.66
N LEU D 88 -29.39 10.88 -13.69
CA LEU D 88 -28.52 9.75 -13.93
C LEU D 88 -28.32 8.96 -12.66
N ASP D 89 -28.18 7.65 -12.80
CA ASP D 89 -27.83 6.74 -11.72
C ASP D 89 -26.36 6.34 -11.80
N GLY D 90 -25.75 6.49 -12.97
CA GLY D 90 -24.35 6.14 -13.15
C GLY D 90 -23.63 7.00 -14.17
N VAL D 91 -22.30 7.05 -14.03
CA VAL D 91 -21.43 7.79 -14.92
C VAL D 91 -20.19 6.94 -15.07
N VAL D 92 -19.76 6.72 -16.30
CA VAL D 92 -18.55 5.98 -16.56
C VAL D 92 -17.55 6.89 -17.29
N HIS D 93 -16.38 7.08 -16.67
CA HIS D 93 -15.26 7.81 -17.26
C HIS D 93 -14.32 6.76 -17.85
N SER D 94 -14.23 6.68 -19.18
CA SER D 94 -13.29 5.70 -19.78
C SER D 94 -12.49 6.46 -20.82
N ILE D 95 -11.85 7.55 -20.35
CA ILE D 95 -11.11 8.50 -21.15
C ILE D 95 -9.65 8.51 -20.70
N GLY D 96 -8.76 8.47 -21.68
CA GLY D 96 -7.33 8.53 -21.41
C GLY D 96 -6.60 8.99 -22.63
N PHE D 97 -5.50 9.69 -22.40
CA PHE D 97 -4.65 10.16 -23.49
C PHE D 97 -3.31 10.54 -22.97
N MET D 98 -2.26 10.12 -23.68
CA MET D 98 -0.90 10.56 -23.40
C MET D 98 -0.17 10.60 -24.74
N PRO D 99 0.38 11.75 -25.19
CA PRO D 99 1.13 11.75 -26.47
C PRO D 99 2.29 10.73 -26.46
N GLN D 100 2.74 10.30 -27.66
CA GLN D 100 3.86 9.37 -27.82
C GLN D 100 5.17 9.86 -27.16
N THR D 101 5.32 11.15 -26.91
CA THR D 101 6.51 11.64 -26.18
C THR D 101 6.46 11.20 -24.69
N GLY D 102 5.26 10.96 -24.15
CA GLY D 102 5.04 10.61 -22.74
C GLY D 102 4.75 9.14 -22.43
N MET D 103 4.44 8.34 -23.46
CA MET D 103 4.08 6.93 -23.29
C MET D 103 4.56 6.22 -24.58
N GLY D 104 5.42 5.23 -24.44
CA GLY D 104 5.94 4.50 -25.60
C GLY D 104 7.45 4.29 -25.54
N ILE D 105 8.11 4.57 -26.66
CA ILE D 105 9.55 4.36 -26.79
C ILE D 105 10.39 5.55 -26.33
N ASN D 106 9.78 6.73 -26.23
CA ASN D 106 10.51 7.93 -25.88
C ASN D 106 11.05 7.88 -24.45
N PRO D 107 12.33 8.27 -24.21
CA PRO D 107 12.84 8.27 -22.82
C PRO D 107 11.93 9.11 -21.92
N PHE D 108 11.73 8.61 -20.70
CA PHE D 108 10.93 9.28 -19.65
C PHE D 108 11.33 10.78 -19.53
N PHE D 109 12.64 11.08 -19.59
CA PHE D 109 13.11 12.47 -19.44
C PHE D 109 12.83 13.37 -20.64
N ASP D 110 12.50 12.77 -21.79
CA ASP D 110 12.34 13.56 -23.02
C ASP D 110 10.90 14.01 -23.30
N ALA D 111 9.96 13.76 -22.39
CA ALA D 111 8.58 14.21 -22.58
C ALA D 111 8.48 15.68 -22.15
N PRO D 112 8.14 16.61 -23.07
CA PRO D 112 7.98 18.01 -22.67
C PRO D 112 6.74 18.21 -21.83
N TYR D 113 6.74 19.22 -20.94
CA TYR D 113 5.61 19.41 -20.05
C TYR D 113 4.28 19.69 -20.78
N ALA D 114 4.27 20.45 -21.90
CA ALA D 114 3.00 20.70 -22.59
C ALA D 114 2.32 19.36 -22.94
N ASP D 115 3.11 18.33 -23.31
CA ASP D 115 2.55 17.02 -23.65
C ASP D 115 2.04 16.29 -22.40
N VAL D 116 2.87 16.24 -21.33
CA VAL D 116 2.47 15.61 -20.07
C VAL D 116 1.22 16.28 -19.51
N SER D 117 1.19 17.62 -19.50
CA SER D 117 0.05 18.41 -19.01
C SER D 117 -1.22 18.08 -19.78
N LYS D 118 -1.15 17.95 -21.12
CA LYS D 118 -2.35 17.59 -21.88
C LYS D 118 -2.84 16.19 -21.46
N GLY D 119 -1.88 15.27 -21.31
CA GLY D 119 -2.17 13.90 -20.89
C GLY D 119 -2.81 13.85 -19.51
N ILE D 120 -2.29 14.64 -18.56
CA ILE D 120 -2.86 14.69 -17.21
C ILE D 120 -4.26 15.35 -17.23
N HIS D 121 -4.44 16.40 -18.04
CA HIS D 121 -5.74 17.09 -18.17
C HIS D 121 -6.83 16.07 -18.56
N ILE D 122 -6.59 15.34 -19.65
CA ILE D 122 -7.55 14.38 -20.17
C ILE D 122 -7.68 13.13 -19.29
N SER D 123 -6.56 12.61 -18.78
CA SER D 123 -6.55 11.33 -18.08
C SER D 123 -6.89 11.38 -16.60
N ALA D 124 -6.64 12.50 -15.93
CA ALA D 124 -6.86 12.60 -14.49
C ALA D 124 -7.79 13.76 -14.10
N TYR D 125 -7.41 15.00 -14.46
CA TYR D 125 -8.23 16.16 -14.09
C TYR D 125 -9.67 16.02 -14.58
N SER D 126 -9.88 15.49 -15.79
CA SER D 126 -11.24 15.37 -16.36
C SER D 126 -12.17 14.46 -15.54
N TYR D 127 -11.61 13.58 -14.68
CA TYR D 127 -12.46 12.76 -13.81
C TYR D 127 -13.18 13.70 -12.83
N ALA D 128 -12.45 14.69 -12.29
CA ALA D 128 -13.05 15.72 -11.44
C ALA D 128 -14.02 16.61 -12.28
N SER D 129 -13.64 16.98 -13.52
CA SER D 129 -14.49 17.84 -14.37
C SER D 129 -15.85 17.19 -14.63
N MET D 130 -15.82 15.91 -14.99
CA MET D 130 -17.05 15.16 -15.27
C MET D 130 -17.93 15.04 -14.03
N ALA D 131 -17.31 14.78 -12.87
CA ALA D 131 -18.07 14.68 -11.63
C ALA D 131 -18.69 16.03 -11.26
N LYS D 132 -17.96 17.14 -11.45
CA LYS D 132 -18.47 18.47 -11.18
C LYS D 132 -19.70 18.76 -12.04
N ALA D 133 -19.61 18.41 -13.32
CA ALA D 133 -20.70 18.67 -14.27
C ALA D 133 -21.93 17.79 -14.04
N LEU D 134 -21.73 16.53 -13.64
CA LEU D 134 -22.82 15.55 -13.57
C LEU D 134 -23.39 15.27 -12.19
N LEU D 135 -22.64 15.51 -11.11
CA LEU D 135 -23.21 15.29 -9.77
C LEU D 135 -24.54 16.03 -9.54
N PRO D 136 -24.72 17.30 -10.02
CA PRO D 136 -26.02 17.98 -9.84
C PRO D 136 -27.22 17.28 -10.51
N ILE D 137 -26.95 16.36 -11.45
CA ILE D 137 -28.01 15.61 -12.12
C ILE D 137 -27.91 14.09 -11.82
N MET D 138 -27.37 13.72 -10.63
CA MET D 138 -27.29 12.32 -10.23
C MET D 138 -28.18 12.03 -9.06
N ASN D 139 -28.80 10.84 -9.09
CA ASN D 139 -29.67 10.38 -8.02
C ASN D 139 -28.87 9.86 -6.83
N PRO D 140 -29.44 9.96 -5.60
CA PRO D 140 -28.82 9.30 -4.44
C PRO D 140 -28.73 7.78 -4.73
N GLY D 141 -27.65 7.15 -4.27
CA GLY D 141 -27.38 5.74 -4.54
C GLY D 141 -26.65 5.54 -5.85
N GLY D 142 -26.36 6.65 -6.53
CA GLY D 142 -25.65 6.69 -7.80
C GLY D 142 -24.20 6.28 -7.72
N SER D 143 -23.57 6.12 -8.89
CA SER D 143 -22.21 5.61 -8.92
C SER D 143 -21.40 6.19 -10.07
N ILE D 144 -20.19 6.67 -9.78
CA ILE D 144 -19.25 7.18 -10.77
C ILE D 144 -18.09 6.18 -10.81
N VAL D 145 -17.74 5.72 -12.03
CA VAL D 145 -16.65 4.74 -12.18
C VAL D 145 -15.67 5.24 -13.22
N GLY D 146 -14.38 5.17 -12.93
CA GLY D 146 -13.35 5.54 -13.88
C GLY D 146 -12.42 4.38 -14.15
N MET D 147 -11.75 4.38 -15.31
CA MET D 147 -10.81 3.33 -15.69
C MET D 147 -9.40 3.71 -15.30
N ASP D 148 -8.69 2.74 -14.72
CA ASP D 148 -7.35 2.95 -14.18
C ASP D 148 -6.50 1.73 -14.49
N PHE D 149 -5.23 1.83 -14.18
CA PHE D 149 -4.34 0.68 -14.13
C PHE D 149 -3.46 0.91 -12.94
N ASP D 150 -2.98 -0.17 -12.32
CA ASP D 150 -2.18 -0.06 -11.11
C ASP D 150 -0.85 0.70 -11.36
N PRO D 151 -0.70 1.91 -10.80
CA PRO D 151 0.53 2.69 -11.03
C PRO D 151 1.43 2.73 -9.78
N SER D 152 1.21 1.80 -8.83
CA SER D 152 1.94 1.78 -7.56
C SER D 152 3.41 1.40 -7.73
N ARG D 153 3.75 0.76 -8.86
CA ARG D 153 5.13 0.40 -9.21
C ARG D 153 5.44 0.90 -10.62
N ALA D 154 6.67 1.38 -10.87
CA ALA D 154 7.03 1.84 -12.21
C ALA D 154 7.19 0.64 -13.16
N MET D 155 7.19 0.91 -14.47
CA MET D 155 7.19 -0.15 -15.47
C MET D 155 7.78 0.43 -16.74
N PRO D 156 8.25 -0.40 -17.68
CA PRO D 156 8.76 0.16 -18.93
C PRO D 156 7.63 0.80 -19.73
N ALA D 157 7.98 1.75 -20.61
CA ALA D 157 7.15 2.40 -21.63
C ALA D 157 5.97 3.26 -21.16
N TYR D 158 5.17 2.82 -20.17
CA TYR D 158 3.94 3.57 -19.81
C TYR D 158 4.25 4.92 -19.18
N ASN D 159 5.44 5.08 -18.61
CA ASN D 159 6.04 6.35 -18.26
C ASN D 159 5.06 7.40 -17.73
N TRP D 160 4.80 8.50 -18.47
CA TRP D 160 3.95 9.57 -17.96
C TRP D 160 2.47 9.17 -17.86
N MET D 161 2.03 8.14 -18.59
CA MET D 161 0.65 7.68 -18.43
C MET D 161 0.53 7.03 -17.05
N THR D 162 1.58 6.34 -16.58
CA THR D 162 1.58 5.80 -15.21
C THR D 162 1.44 6.93 -14.15
N VAL D 163 2.18 8.03 -14.35
CA VAL D 163 2.13 9.20 -13.49
C VAL D 163 0.71 9.76 -13.50
N ALA D 164 0.09 9.84 -14.71
CA ALA D 164 -1.28 10.35 -14.84
C ALA D 164 -2.25 9.45 -14.10
N LYS D 165 -2.05 8.10 -14.15
CA LYS D 165 -2.93 7.22 -13.36
C LYS D 165 -2.73 7.38 -11.83
N SER D 166 -1.49 7.60 -11.37
CA SER D 166 -1.24 7.89 -9.95
C SER D 166 -2.04 9.15 -9.54
N ALA D 167 -2.04 10.18 -10.39
CA ALA D 167 -2.81 11.41 -10.16
C ALA D 167 -4.32 11.11 -10.17
N LEU D 168 -4.79 10.26 -11.12
CA LEU D 168 -6.20 9.87 -11.20
C LEU D 168 -6.66 9.17 -9.91
N GLU D 169 -5.84 8.24 -9.39
CA GLU D 169 -6.23 7.56 -8.13
C GLU D 169 -6.46 8.59 -7.00
N SER D 170 -5.60 9.60 -6.91
CA SER D 170 -5.72 10.65 -5.91
C SER D 170 -6.98 11.49 -6.18
N VAL D 171 -7.22 11.86 -7.46
CA VAL D 171 -8.42 12.64 -7.83
C VAL D 171 -9.65 11.86 -7.41
N ASN D 172 -9.65 10.53 -7.63
CA ASN D 172 -10.79 9.68 -7.26
C ASN D 172 -11.14 9.81 -5.75
N ARG D 173 -10.12 9.83 -4.91
CA ARG D 173 -10.36 9.96 -3.47
C ARG D 173 -11.01 11.30 -3.09
N PHE D 174 -10.64 12.39 -3.80
CA PHE D 174 -11.27 13.69 -3.55
C PHE D 174 -12.67 13.76 -4.17
N VAL D 175 -12.85 13.15 -5.36
CA VAL D 175 -14.18 13.14 -5.99
C VAL D 175 -15.15 12.40 -5.03
N ALA D 176 -14.69 11.31 -4.39
CA ALA D 176 -15.54 10.57 -3.44
C ALA D 176 -16.08 11.47 -2.31
N ARG D 177 -15.23 12.42 -1.81
CA ARG D 177 -15.67 13.35 -0.77
C ARG D 177 -16.81 14.23 -1.28
N GLU D 178 -16.68 14.75 -2.51
CA GLU D 178 -17.72 15.57 -3.11
C GLU D 178 -18.98 14.76 -3.42
N ALA D 179 -18.80 13.59 -4.02
CA ALA D 179 -19.90 12.74 -4.45
C ALA D 179 -20.75 12.24 -3.26
N GLY D 180 -20.11 12.02 -2.12
CA GLY D 180 -20.79 11.57 -0.91
C GLY D 180 -21.89 12.50 -0.42
N LYS D 181 -21.72 13.81 -0.69
CA LYS D 181 -22.71 14.86 -0.34
C LYS D 181 -24.03 14.62 -1.08
N TYR D 182 -23.98 13.95 -2.26
CA TYR D 182 -25.12 13.60 -3.12
C TYR D 182 -25.60 12.17 -2.92
N GLY D 183 -24.94 11.44 -2.02
CA GLY D 183 -25.20 10.02 -1.79
C GLY D 183 -24.70 9.17 -2.95
N VAL D 184 -23.65 9.64 -3.62
CA VAL D 184 -23.08 9.01 -4.80
C VAL D 184 -21.68 8.46 -4.50
N ARG D 185 -21.41 7.23 -5.02
CA ARG D 185 -20.08 6.60 -4.89
C ARG D 185 -19.18 6.96 -6.05
N SER D 186 -17.85 6.95 -5.83
CA SER D 186 -16.84 7.20 -6.86
C SER D 186 -15.77 6.14 -6.69
N ASN D 187 -15.48 5.38 -7.75
CA ASN D 187 -14.48 4.30 -7.65
C ASN D 187 -13.79 4.15 -8.98
N LEU D 188 -12.63 3.52 -8.96
CA LEU D 188 -11.90 3.21 -10.19
C LEU D 188 -11.80 1.72 -10.35
N VAL D 189 -11.77 1.26 -11.61
CA VAL D 189 -11.49 -0.14 -11.89
C VAL D 189 -10.08 -0.17 -12.48
N ALA D 190 -9.15 -0.90 -11.83
CA ALA D 190 -7.79 -1.05 -12.31
C ALA D 190 -7.77 -2.33 -13.14
N ALA D 191 -7.61 -2.18 -14.45
CA ALA D 191 -7.63 -3.36 -15.32
C ALA D 191 -6.23 -3.83 -15.69
N GLY D 192 -6.12 -5.10 -16.05
CA GLY D 192 -4.92 -5.64 -16.65
C GLY D 192 -4.85 -5.16 -18.10
N PRO D 193 -3.74 -5.47 -18.83
CA PRO D 193 -3.63 -4.99 -20.23
C PRO D 193 -4.64 -5.65 -21.17
N ILE D 194 -5.28 -4.79 -22.00
CA ILE D 194 -6.29 -5.22 -22.96
C ILE D 194 -5.83 -4.72 -24.34
N ARG D 195 -5.82 -5.62 -25.32
CA ARG D 195 -5.53 -5.22 -26.70
C ARG D 195 -6.78 -4.46 -27.27
N THR D 196 -6.75 -3.11 -27.23
CA THR D 196 -7.86 -2.24 -27.70
C THR D 196 -7.55 -1.52 -29.01
N GLY D 205 4.68 -4.83 -34.00
CA GLY D 205 5.91 -4.47 -34.72
C GLY D 205 6.23 -2.99 -34.72
N ALA D 206 5.18 -2.14 -34.71
CA ALA D 206 5.22 -0.68 -34.73
C ALA D 206 6.15 -0.05 -33.71
N LEU D 207 6.36 -0.66 -32.53
CA LEU D 207 7.25 -0.06 -31.53
C LEU D 207 8.74 -0.41 -31.72
N GLY D 208 9.03 -1.32 -32.65
CA GLY D 208 10.37 -1.81 -32.88
C GLY D 208 10.65 -3.03 -32.02
N GLU D 209 11.78 -3.72 -32.27
CA GLU D 209 12.14 -4.96 -31.56
C GLU D 209 12.29 -4.82 -30.03
N GLU D 210 13.06 -3.81 -29.55
CA GLU D 210 13.37 -3.60 -28.13
C GLU D 210 12.15 -3.28 -27.27
N ALA D 211 11.39 -2.21 -27.60
CA ALA D 211 10.19 -1.86 -26.83
C ALA D 211 9.11 -2.92 -26.98
N GLY D 212 9.02 -3.50 -28.18
CA GLY D 212 8.09 -4.59 -28.51
C GLY D 212 8.30 -5.81 -27.60
N ALA D 213 9.57 -6.15 -27.31
CA ALA D 213 9.91 -7.27 -26.43
C ALA D 213 9.54 -6.93 -24.96
N GLN D 214 9.75 -5.68 -24.55
CA GLN D 214 9.45 -5.23 -23.18
C GLN D 214 7.95 -5.31 -22.88
N ILE D 215 7.13 -4.84 -23.83
CA ILE D 215 5.66 -4.86 -23.75
C ILE D 215 5.14 -6.30 -23.77
N GLN D 216 5.74 -7.17 -24.62
CA GLN D 216 5.37 -8.58 -24.69
C GLN D 216 5.62 -9.27 -23.32
N LEU D 217 6.74 -8.95 -22.65
CA LEU D 217 7.10 -9.47 -21.33
C LEU D 217 6.10 -8.99 -20.27
N LEU D 218 5.64 -7.73 -20.38
CA LEU D 218 4.64 -7.15 -19.46
C LEU D 218 3.33 -7.93 -19.52
N GLU D 219 2.87 -8.25 -20.74
CA GLU D 219 1.64 -9.00 -21.01
C GLU D 219 1.73 -10.45 -20.58
N GLU D 220 2.81 -11.15 -20.96
CA GLU D 220 3.04 -12.54 -20.60
C GLU D 220 3.12 -12.67 -19.07
N GLY D 221 3.86 -11.77 -18.43
CA GLY D 221 4.00 -11.75 -16.97
C GLY D 221 2.66 -11.65 -16.26
N TRP D 222 1.71 -10.90 -16.85
CA TRP D 222 0.38 -10.70 -16.27
C TRP D 222 -0.41 -12.03 -16.16
N ASP D 223 -0.51 -12.76 -17.28
CA ASP D 223 -1.19 -14.04 -17.30
C ASP D 223 -0.48 -15.03 -16.37
N GLN D 224 0.87 -14.97 -16.28
CA GLN D 224 1.65 -15.83 -15.39
C GLN D 224 1.37 -15.52 -13.92
N ARG D 225 1.30 -14.24 -13.55
CA ARG D 225 1.07 -13.86 -12.13
C ARG D 225 -0.36 -14.04 -11.69
N ALA D 226 -1.32 -13.84 -12.61
CA ALA D 226 -2.74 -13.91 -12.28
C ALA D 226 -3.11 -15.35 -11.88
N PRO D 227 -3.51 -15.58 -10.62
CA PRO D 227 -3.87 -16.96 -10.24
C PRO D 227 -4.98 -17.58 -11.10
N ILE D 228 -5.87 -16.75 -11.66
CA ILE D 228 -6.96 -17.23 -12.54
C ILE D 228 -6.67 -16.92 -14.01
N GLY D 229 -5.44 -16.47 -14.28
CA GLY D 229 -5.03 -16.15 -15.64
C GLY D 229 -5.55 -14.81 -16.09
N TRP D 230 -5.06 -14.36 -17.24
CA TRP D 230 -5.51 -13.09 -17.78
C TRP D 230 -5.57 -13.20 -19.31
N ASN D 231 -6.73 -12.90 -19.88
CA ASN D 231 -6.92 -12.93 -21.33
C ASN D 231 -6.86 -11.47 -21.83
N MET D 232 -5.71 -11.10 -22.42
CA MET D 232 -5.48 -9.73 -22.92
C MET D 232 -6.41 -9.36 -24.08
N LYS D 233 -7.03 -10.35 -24.73
CA LYS D 233 -7.90 -10.02 -25.85
C LYS D 233 -9.32 -9.66 -25.41
N ASP D 234 -9.66 -9.90 -24.15
CA ASP D 234 -11.03 -9.84 -23.66
C ASP D 234 -11.34 -8.76 -22.63
N ALA D 235 -12.10 -7.72 -23.06
CA ALA D 235 -12.51 -6.63 -22.17
C ALA D 235 -13.75 -6.98 -21.30
N THR D 236 -14.46 -8.08 -21.61
CA THR D 236 -15.70 -8.44 -20.88
C THR D 236 -15.52 -8.52 -19.36
N PRO D 237 -14.48 -9.18 -18.79
CA PRO D 237 -14.38 -9.24 -17.31
C PRO D 237 -14.24 -7.85 -16.68
N VAL D 238 -13.61 -6.91 -17.41
CA VAL D 238 -13.45 -5.52 -16.97
C VAL D 238 -14.82 -4.80 -17.04
N ALA D 239 -15.54 -4.99 -18.15
CA ALA D 239 -16.89 -4.40 -18.33
C ALA D 239 -17.82 -4.89 -17.24
N LYS D 240 -17.78 -6.21 -16.92
CA LYS D 240 -18.64 -6.76 -15.84
C LYS D 240 -18.30 -6.12 -14.48
N THR D 241 -17.00 -5.91 -14.20
CA THR D 241 -16.56 -5.29 -12.94
C THR D 241 -17.09 -3.86 -12.81
N VAL D 242 -17.02 -3.07 -13.92
CA VAL D 242 -17.56 -1.72 -13.94
C VAL D 242 -19.06 -1.80 -13.66
N CYS D 243 -19.78 -2.75 -14.30
CA CYS D 243 -21.21 -2.88 -14.04
C CYS D 243 -21.52 -3.29 -12.61
N ALA D 244 -20.66 -4.09 -11.95
CA ALA D 244 -20.83 -4.41 -10.52
C ALA D 244 -20.79 -3.10 -9.70
N LEU D 245 -19.87 -2.19 -10.01
CA LEU D 245 -19.78 -0.94 -9.28
C LEU D 245 -20.94 0.00 -9.59
N LEU D 246 -21.51 -0.09 -10.81
CA LEU D 246 -22.67 0.74 -11.15
C LEU D 246 -23.94 0.24 -10.48
N SER D 247 -23.95 -1.03 -10.07
CA SER D 247 -25.10 -1.69 -9.48
C SER D 247 -25.30 -1.27 -8.03
N ASP D 248 -26.32 -1.84 -7.38
CA ASP D 248 -26.58 -1.58 -5.96
C ASP D 248 -25.82 -2.60 -5.07
N TRP D 249 -24.96 -3.46 -5.65
CA TRP D 249 -24.33 -4.57 -4.91
C TRP D 249 -22.97 -4.27 -4.22
N LEU D 250 -22.42 -3.06 -4.40
CA LEU D 250 -21.21 -2.62 -3.67
C LEU D 250 -21.54 -1.25 -3.06
N PRO D 251 -22.55 -1.21 -2.15
CA PRO D 251 -23.09 0.08 -1.69
C PRO D 251 -22.27 0.82 -0.65
N ALA D 252 -21.24 0.17 -0.13
CA ALA D 252 -20.44 0.78 0.93
C ALA D 252 -18.98 0.97 0.46
N THR D 253 -18.76 0.96 -0.86
CA THR D 253 -17.41 1.13 -1.39
C THR D 253 -17.33 2.46 -2.10
N THR D 254 -16.39 3.34 -1.71
CA THR D 254 -16.20 4.63 -2.37
C THR D 254 -14.80 5.12 -2.14
N GLY D 255 -14.32 5.95 -3.05
CA GLY D 255 -12.97 6.52 -3.06
C GLY D 255 -11.96 5.43 -3.30
N ASP D 256 -12.43 4.29 -3.82
CA ASP D 256 -11.65 3.07 -3.87
C ASP D 256 -11.28 2.59 -5.25
N ILE D 257 -10.48 1.51 -5.28
CA ILE D 257 -10.01 0.90 -6.54
C ILE D 257 -10.34 -0.60 -6.47
N ILE D 258 -11.03 -1.10 -7.48
CA ILE D 258 -11.35 -2.53 -7.63
C ILE D 258 -10.46 -3.04 -8.76
N TYR D 259 -9.72 -4.11 -8.51
CA TYR D 259 -8.77 -4.65 -9.45
C TYR D 259 -9.38 -5.75 -10.29
N ALA D 260 -9.54 -5.48 -11.58
CA ALA D 260 -10.06 -6.49 -12.52
C ALA D 260 -8.85 -6.87 -13.36
N ASP D 261 -7.94 -7.65 -12.77
CA ASP D 261 -6.65 -7.92 -13.39
C ASP D 261 -6.21 -9.38 -13.27
N GLY D 262 -7.16 -10.27 -12.95
CA GLY D 262 -6.89 -11.69 -12.74
C GLY D 262 -6.16 -11.99 -11.43
N GLY D 263 -6.08 -10.98 -10.56
CA GLY D 263 -5.33 -11.07 -9.30
C GLY D 263 -3.83 -10.87 -9.47
N ALA D 264 -3.38 -10.44 -10.66
CA ALA D 264 -1.95 -10.27 -10.90
C ALA D 264 -1.25 -9.35 -9.89
N HIS D 265 -1.90 -8.25 -9.47
CA HIS D 265 -1.26 -7.30 -8.55
C HIS D 265 -1.01 -7.88 -7.14
N THR D 266 -1.62 -9.06 -6.82
CA THR D 266 -1.51 -9.68 -5.49
C THR D 266 -0.38 -10.73 -5.44
N GLN D 267 0.35 -10.91 -6.56
CA GLN D 267 1.37 -11.94 -6.69
C GLN D 267 2.67 -11.35 -7.17
N LEU D 268 3.77 -11.75 -6.52
CA LEU D 268 5.09 -11.21 -6.90
C LEU D 268 5.55 -11.87 -8.19
N LEU D 269 5.36 -13.20 -8.28
CA LEU D 269 5.67 -14.04 -9.43
C LEU D 269 4.93 -15.38 -9.27
PA NAD E . -19.72 -13.47 15.40
O1A NAD E . -19.29 -13.61 16.82
O2A NAD E . -21.21 -13.42 15.19
O5B NAD E . -19.02 -14.49 14.36
C5B NAD E . -17.80 -15.16 14.72
C4B NAD E . -18.06 -16.60 14.39
O4B NAD E . -16.84 -17.39 14.48
C3B NAD E . -19.10 -17.30 15.28
O3B NAD E . -20.06 -17.94 14.45
C2B NAD E . -18.28 -18.37 16.00
O2B NAD E . -18.99 -19.57 16.26
C1B NAD E . -17.25 -18.67 14.94
N9A NAD E . -16.11 -19.47 15.39
C8A NAD E . -15.27 -19.21 16.44
N7A NAD E . -14.44 -20.19 16.71
C5A NAD E . -14.74 -21.15 15.77
C6A NAD E . -14.22 -22.44 15.52
N6A NAD E . -13.27 -23.01 16.26
N1A NAD E . -14.72 -23.13 14.46
C2A NAD E . -15.70 -22.59 13.75
N3A NAD E . -16.30 -21.40 13.91
C4A NAD E . -15.77 -20.72 14.94
O3 NAD E . -19.18 -12.04 14.93
PN NAD E . -19.13 -11.28 13.53
O1N NAD E . -18.98 -9.86 13.91
O2N NAD E . -20.24 -11.74 12.67
O5D NAD E . -17.72 -11.81 12.97
C5D NAD E . -17.59 -12.59 11.76
C4D NAD E . -16.27 -12.25 11.10
O4D NAD E . -16.32 -10.90 10.58
C3D NAD E . -15.03 -12.33 11.98
O3D NAD E . -13.96 -12.87 11.22
C2D NAD E . -14.79 -10.85 12.32
O2D NAD E . -13.44 -10.56 12.69
C1D NAD E . -15.19 -10.21 11.00
N1N NAD E . -15.49 -8.71 11.02
C2N NAD E . -16.36 -8.23 11.97
C3N NAD E . -16.55 -6.86 12.12
C7N NAD E . -17.51 -6.25 13.12
O7N NAD E . -17.41 -5.07 13.39
N7N NAD E . -18.38 -7.07 13.78
C4N NAD E . -15.86 -6.00 11.27
C5N NAD E . -15.02 -6.50 10.29
C6N NAD E . -14.85 -7.88 10.18
CL 9G4 F . -10.06 -1.39 11.09
C17 9G4 F . -11.37 -1.99 12.08
C16 9G4 F . -11.11 -2.36 13.38
C15 9G4 F . -12.13 -2.92 14.15
C18 9G4 F . -12.62 -2.17 11.52
C19 9G4 F . -13.64 -2.72 12.28
C14 9G4 F . -13.39 -3.06 13.61
O3 9G4 F . -14.44 -3.59 14.41
C11 9G4 F . -14.47 -4.95 14.68
C10 9G4 F . -13.71 -5.89 14.09
C9 9G4 F . -13.82 -7.27 14.44
O1 9G4 F . -13.20 -8.19 13.90
C12 9G4 F . -15.39 -5.32 15.76
C13 9G4 F . -16.24 -4.37 16.50
N3 9G4 F . -17.31 -3.91 15.85
O2 9G4 F . -15.94 -4.03 17.66
N2 9G4 F . -15.48 -6.59 16.14
N1 9G4 F . -14.72 -7.53 15.49
C6 9G4 F . -14.95 -8.86 15.97
C5 9G4 F . -16.24 -9.40 15.98
C4 9G4 F . -16.44 -10.68 16.46
C7 9G4 F . -13.87 -9.65 16.39
C8 9G4 F . -14.10 -10.94 16.83
C3 9G4 F . -15.38 -11.46 16.90
C2 9G4 F . -15.62 -12.86 17.42
N 9G4 F . -15.72 -12.90 18.87
C1 9G4 F . -14.69 -13.02 19.72
O 9G4 F . -13.53 -13.12 19.33
C 9G4 F . -15.05 -13.02 21.18
MG MG G . -18.71 11.05 6.63
PA NAD H . 8.55 26.72 1.27
O1A NAD H . 7.48 27.62 0.83
O2A NAD H . 9.55 27.34 2.24
O5B NAD H . 9.41 26.07 0.09
C5B NAD H . 8.80 25.86 -1.20
C4B NAD H . 9.84 26.28 -2.19
O4B NAD H . 9.39 26.04 -3.56
C3B NAD H . 10.19 27.77 -2.11
O3B NAD H . 11.59 27.92 -1.88
C2B NAD H . 9.77 28.30 -3.49
O2B NAD H . 10.58 29.38 -3.96
C1B NAD H . 10.01 27.05 -4.32
N9A NAD H . 9.44 27.12 -5.65
C8A NAD H . 8.19 27.55 -6.00
N7A NAD H . 8.02 27.75 -7.28
C5A NAD H . 9.25 27.39 -7.83
C6A NAD H . 9.74 27.39 -9.16
N6A NAD H . 9.00 27.73 -10.21
N1A NAD H . 11.02 27.00 -9.36
C2A NAD H . 11.76 26.64 -8.30
N3A NAD H . 11.40 26.58 -7.01
C4A NAD H . 10.13 26.99 -6.83
O3 NAD H . 7.82 25.53 2.02
PN NAD H . 8.34 24.14 2.59
O1N NAD H . 9.79 24.15 2.87
O2N NAD H . 7.36 23.75 3.60
O5D NAD H . 8.16 23.12 1.37
C5D NAD H . 9.26 22.44 0.74
C4D NAD H . 8.73 21.15 0.16
O4D NAD H . 8.38 20.25 1.23
C3D NAD H . 7.48 21.27 -0.71
O3D NAD H . 7.48 20.28 -1.75
C2D NAD H . 6.37 20.90 0.26
O2D NAD H . 5.18 20.47 -0.43
C1D NAD H . 7.07 19.80 1.04
N1N NAD H . 6.46 19.44 2.39
C2N NAD H . 6.11 20.44 3.25
C3N NAD H . 5.49 20.15 4.46
C7N NAD H . 5.19 21.18 5.50
O7N NAD H . 4.36 20.92 6.35
N7N NAD H . 5.74 22.41 5.36
C4N NAD H . 5.24 18.81 4.77
C5N NAD H . 5.64 17.81 3.89
C6N NAD H . 6.26 18.15 2.70
CL 9G4 I . -0.34 14.06 4.83
C17 9G4 I . 0.11 15.71 5.13
C16 9G4 I . -0.71 16.72 4.66
C15 9G4 I . -0.31 18.04 4.80
C18 9G4 I . 1.27 15.98 5.82
C19 9G4 I . 1.65 17.31 6.00
C14 9G4 I . 0.84 18.32 5.52
O3 9G4 I . 1.22 19.67 5.71
C11 9G4 I . 1.67 20.40 4.62
C10 9G4 I . 2.12 19.88 3.45
C9 9G4 I . 2.68 20.72 2.42
O1 9G4 I . 3.12 20.34 1.33
C12 9G4 I . 1.80 21.80 4.91
C13 9G4 I . 1.32 22.40 6.16
N3 9G4 I . 2.05 22.20 7.25
O2 9G4 I . 0.27 23.05 6.18
N2 9G4 I . 2.26 22.61 3.97
N1 9G4 I . 2.69 22.08 2.76
C6 9G4 I . 3.17 23.07 1.85
C5 9G4 I . 4.18 23.95 2.24
C4 9G4 I . 4.61 24.93 1.37
C7 9G4 I . 2.59 23.21 0.60
C8 9G4 I . 3.05 24.18 -0.28
C3 9G4 I . 4.08 25.05 0.08
C2 9G4 I . 4.51 26.16 -0.84
N 9G4 I . 3.51 27.23 -0.90
C1 9G4 I . 2.41 27.21 -1.65
O 9G4 I . 2.15 26.29 -2.44
C 9G4 I . 1.48 28.38 -1.49
PA NAD J . 19.95 -17.11 9.74
O1A NAD J . 21.41 -16.91 9.69
O2A NAD J . 19.52 -18.55 9.63
O5B NAD J . 19.31 -16.41 11.03
C5B NAD J . 18.07 -16.82 11.65
C4B NAD J . 18.37 -16.80 13.13
O4B NAD J . 17.16 -17.09 13.87
C3B NAD J . 19.43 -17.81 13.59
O3B NAD J . 20.50 -17.19 14.30
C2B NAD J . 18.64 -18.76 14.48
O2B NAD J . 19.42 -19.23 15.57
C1B NAD J . 17.59 -17.81 15.01
N9A NAD J . 16.44 -18.41 15.70
C8A NAD J . 15.65 -19.45 15.27
N7A NAD J . 14.86 -19.94 16.20
C5A NAD J . 15.14 -19.14 17.30
C6A NAD J . 14.63 -19.16 18.63
N6A NAD J . 13.67 -19.98 19.06
N1A NAD J . 15.15 -18.25 19.51
C2A NAD J . 16.10 -17.42 19.08
N3A NAD J . 16.65 -17.32 17.86
C4A NAD J . 16.10 -18.21 17.01
O3 NAD J . 19.23 -16.41 8.50
PN NAD J . 19.21 -14.89 8.04
O1N NAD J . 19.08 -14.88 6.56
O2N NAD J . 20.31 -14.13 8.67
O5D NAD J . 17.81 -14.45 8.68
C5D NAD J . 17.72 -13.50 9.76
C4D NAD J . 16.41 -12.77 9.60
O4D NAD J . 16.41 -12.01 8.36
C3D NAD J . 15.16 -13.65 9.54
O3D NAD J . 14.05 -13.05 10.20
C2D NAD J . 14.85 -13.71 8.04
O2D NAD J . 13.52 -14.06 7.72
C1D NAD J . 15.23 -12.29 7.67
N1N NAD J . 15.46 -12.03 6.20
C2N NAD J . 16.32 -12.82 5.52
C3N NAD J . 16.49 -12.67 4.15
C7N NAD J . 17.46 -13.47 3.34
O7N NAD J . 17.33 -13.52 2.14
N7N NAD J . 18.38 -14.21 4.00
C4N NAD J . 15.77 -11.66 3.51
C5N NAD J . 14.95 -10.83 4.23
C6N NAD J . 14.79 -11.04 5.58
CL 9G4 K . 10.02 -10.59 -0.97
C17 9G4 K . 11.31 -11.66 -0.55
C16 9G4 K . 11.07 -13.02 -0.50
C15 9G4 K . 12.10 -13.88 -0.14
C18 9G4 K . 12.57 -11.15 -0.30
C19 9G4 K . 13.61 -12.01 0.01
C14 9G4 K . 13.38 -13.37 0.09
O3 9G4 K . 14.45 -14.22 0.43
C11 9G4 K . 14.48 -14.79 1.68
C10 9G4 K . 13.74 -14.38 2.76
C9 9G4 K . 13.87 -15.02 4.05
O1 9G4 K . 13.27 -14.69 5.08
C12 9G4 K . 15.39 -15.92 1.81
C13 9G4 K . 16.21 -16.44 0.71
N3 9G4 K . 17.37 -15.83 0.50
O2 9G4 K . 15.81 -17.37 0.00
N2 9G4 K . 15.51 -16.55 2.96
N1 9G4 K . 14.76 -16.11 4.05
C6 9G4 K . 15.02 -16.84 5.25
C5 9G4 K . 16.31 -16.84 5.80
C4 9G4 K . 16.57 -17.60 6.93
C7 9G4 K . 14.02 -17.58 5.85
C8 9G4 K . 14.29 -18.29 7.02
C3 9G4 K . 15.57 -18.32 7.57
C2 9G4 K . 15.86 -19.14 8.80
N 9G4 K . 15.72 -20.58 8.58
C1 9G4 K . 14.62 -21.34 8.66
O 9G4 K . 13.49 -20.85 8.79
C 9G4 K . 14.84 -22.82 8.58
PA NAD L . -9.49 3.96 -26.20
O1A NAD L . -8.43 4.56 -27.06
O2A NAD L . -10.50 3.07 -26.95
O5B NAD L . -10.34 4.94 -25.25
C5B NAD L . -9.79 6.21 -24.84
C4B NAD L . -10.90 7.20 -25.05
O4B NAD L . -10.51 8.50 -24.57
C3B NAD L . -11.32 7.39 -26.52
O3B NAD L . -12.73 7.22 -26.68
C2B NAD L . -10.93 8.84 -26.81
O2B NAD L . -11.74 9.49 -27.79
C1B NAD L . -11.13 9.44 -25.42
N9A NAD L . -10.57 10.78 -25.23
C8A NAD L . -9.31 11.21 -25.53
N7A NAD L . -9.17 12.52 -25.49
C5A NAD L . -10.41 12.97 -25.08
C6A NAD L . -10.92 14.27 -24.83
N6A NAD L . -10.19 15.38 -24.91
N1A NAD L . -12.23 14.37 -24.49
C2A NAD L . -12.95 13.26 -24.36
N3A NAD L . -12.57 11.99 -24.56
C4A NAD L . -11.29 11.91 -24.92
O3 NAD L . -8.71 3.01 -25.20
PN NAD L . -9.18 2.09 -23.98
O1N NAD L . -10.62 1.78 -24.13
O2N NAD L . -8.19 1.02 -23.87
O5D NAD L . -8.96 3.07 -22.74
C5D NAD L . -10.06 3.62 -21.97
C4D NAD L . -9.57 3.86 -20.56
O4D NAD L . -9.16 2.61 -19.95
C3D NAD L . -8.36 4.78 -20.46
O3D NAD L . -8.49 5.55 -19.25
C2D NAD L . -7.19 3.79 -20.34
O2D NAD L . -6.03 4.33 -19.75
C1D NAD L . -7.87 2.73 -19.46
N1N NAD L . -7.22 1.38 -19.36
C2N NAD L . -6.87 0.72 -20.50
C3N NAD L . -6.13 -0.44 -20.44
C7N NAD L . -5.78 -1.19 -21.68
O7N NAD L . -6.36 -0.90 -22.78
N7N NAD L . -4.94 -2.17 -21.59
C4N NAD L . -5.80 -0.97 -19.19
C5N NAD L . -6.19 -0.30 -18.04
C6N NAD L . -6.91 0.88 -18.15
CL 9G4 M . -0.14 -1.84 -14.67
C17 9G4 M . -0.63 -1.83 -16.34
C16 9G4 M . 0.15 -1.16 -17.26
C15 9G4 M . -0.24 -1.11 -18.59
C18 9G4 M . -1.81 -2.44 -16.72
C19 9G4 M . -2.22 -2.39 -18.04
C14 9G4 M . -1.43 -1.73 -18.98
O3 9G4 M . -1.84 -1.68 -20.34
C11 9G4 M . -2.39 -0.51 -20.83
C10 9G4 M . -2.76 0.55 -20.08
C9 9G4 M . -3.40 1.70 -20.64
O1 9G4 M . -3.84 2.66 -20.02
C12 9G4 M . -2.47 -0.44 -22.30
C13 9G4 M . -2.06 -1.53 -23.20
N3 9G4 M . -1.06 -1.27 -24.04
O2 9G4 M . -2.61 -2.64 -23.15
N2 9G4 M . -3.02 0.62 -22.85
N1 9G4 M . -3.47 1.66 -22.04
C6 9G4 M . -4.03 2.75 -22.78
C5 9G4 M . -5.14 2.55 -23.60
C4 9G4 M . -5.63 3.59 -24.36
C7 9G4 M . -3.41 4.00 -22.77
C8 9G4 M . -3.95 5.05 -23.49
C3 9G4 M . -5.06 4.86 -24.31
C2 9G4 M . -5.58 5.97 -25.18
N 9G4 M . -4.63 6.33 -26.23
C1 9G4 M . -3.64 7.22 -26.07
O 9G4 M . -3.45 7.80 -25.01
C 9G4 M . -2.76 7.44 -27.26
MG MG N . -1.32 -17.49 -13.92
#